data_3QFB
#
_entry.id   3QFB
#
_cell.length_a   71.270
_cell.length_b   121.700
_cell.length_c   73.890
_cell.angle_alpha   90.00
_cell.angle_beta   95.33
_cell.angle_gamma   90.00
#
_symmetry.space_group_name_H-M   'P 1 21 1'
#
loop_
_entity.id
_entity.type
_entity.pdbx_description
1 polymer 'Thioredoxin reductase 1, cytoplasmic'
2 polymer Thioredoxin
3 non-polymer 'FLAVIN-ADENINE DINUCLEOTIDE'
4 non-polymer GLYCEROL
5 water water
#
loop_
_entity_poly.entity_id
_entity_poly.type
_entity_poly.pdbx_seq_one_letter_code
_entity_poly.pdbx_strand_id
1 'polypeptide(L)'
;MGSSHHHHHHSSGLVPRGSHMNGPEDLPKSYDYDLIIIGGGSGGLAAAKEAAQYGKKVMVLDFVTPTPLGTRWGLGGTCV
NVGCIPKKLMHQAALLGQALQDSRNYGWKVEETVKHDWDRMIEAVQNHIGSLNWGYRVALREKKVVYENAYGQFIGPHRI
KATNNKGKEKIYSAERFLIATGERPRYLGIPGDKEYCISSDDLFSLPYCPGKTLVVGASYVALECAGFLAGIGLDVTVMV
RSILLRGFDQDMANKIGEHMEEHGIKFIRQFVPIKVEQIEAGTPGRLRVVAQSTNSEEIIEGEYNTVMLAIGRDACTRKI
GLETVGVKINEKTGKIPVTDEEQTNVPYIYAIGDILEDKVELTPVAIQAGRLLAQRLYAGSTVKCDYENVPTTVFTPLEY
GACGLSEEKAVEKFGEENIEVYHSYFWPLEWTIPSRDNNKCYAKIICNTKDNERVVGFHVLGPNAGEVTQGFAAALKCGL
TKKQLDSTIGIHPVCAEVFTTLSVTKRSGASILQAGSCG
;
A,B
2 'polypeptide(L)'
;MRGSHHHHHHGSVKQIESKTAFQEALDAAGDKLVVVDFSATWCGPSKMIKPFFHSLSEKYSNVIFLEVDVDDCQDVASEC
EVKSMPTFQFFKKGQKVGEFSGANKEKLEATINELV
;
C,D
#
loop_
_chem_comp.id
_chem_comp.type
_chem_comp.name
_chem_comp.formula
FAD non-polymer 'FLAVIN-ADENINE DINUCLEOTIDE' 'C27 H33 N9 O15 P2'
GOL non-polymer GLYCEROL 'C3 H8 O3'
U RNA linking URIDINE-5'-MONOPHOSPHATE 'C9 H13 N2 O9 P'
#
# COMPACT_ATOMS: atom_id res chain seq x y z
N GLU A 25 -37.32 -23.13 42.37
CA GLU A 25 -37.98 -21.83 42.03
C GLU A 25 -37.59 -21.32 40.64
N ASP A 26 -38.10 -20.14 40.29
CA ASP A 26 -37.83 -19.53 39.00
C ASP A 26 -36.35 -19.28 38.74
N LEU A 27 -35.81 -18.18 39.27
CA LEU A 27 -34.39 -17.87 39.08
C LEU A 27 -33.55 -19.09 39.47
N PRO A 28 -32.47 -19.36 38.70
CA PRO A 28 -31.57 -20.50 38.93
C PRO A 28 -30.80 -20.35 40.24
N LYS A 29 -30.83 -21.36 41.09
CA LYS A 29 -30.12 -21.28 42.36
C LYS A 29 -28.65 -20.90 42.17
N SER A 30 -28.13 -21.13 40.96
CA SER A 30 -26.74 -20.80 40.64
C SER A 30 -26.64 -20.61 39.14
N TYR A 31 -25.59 -19.95 38.69
CA TYR A 31 -25.41 -19.70 37.27
C TYR A 31 -24.33 -20.57 36.64
N ASP A 32 -24.72 -21.24 35.55
CA ASP A 32 -23.81 -22.11 34.81
C ASP A 32 -22.56 -21.34 34.40
N TYR A 33 -22.76 -20.21 33.72
CA TYR A 33 -21.64 -19.39 33.26
C TYR A 33 -21.68 -17.98 33.83
N ASP A 34 -20.52 -17.37 33.97
CA ASP A 34 -20.45 -16.01 34.45
C ASP A 34 -21.04 -15.17 33.34
N LEU A 35 -20.89 -15.68 32.12
CA LEU A 35 -21.37 -14.99 30.93
C LEU A 35 -21.58 -15.89 29.73
N ILE A 36 -22.63 -15.58 28.97
CA ILE A 36 -22.98 -16.32 27.77
C ILE A 36 -23.11 -15.32 26.60
N ILE A 37 -22.43 -15.62 25.50
CA ILE A 37 -22.42 -14.77 24.31
C ILE A 37 -23.22 -15.40 23.17
N ILE A 38 -24.23 -14.68 22.68
CA ILE A 38 -25.04 -15.19 21.58
C ILE A 38 -24.57 -14.58 20.27
N GLY A 39 -23.75 -15.34 19.54
CA GLY A 39 -23.19 -14.87 18.28
C GLY A 39 -21.70 -15.07 18.29
N GLY A 40 -21.21 -15.89 17.35
CA GLY A 40 -19.78 -16.15 17.31
C GLY A 40 -18.96 -15.32 16.33
N GLY A 41 -19.42 -14.09 16.04
CA GLY A 41 -18.72 -13.23 15.12
C GLY A 41 -17.56 -12.39 15.64
N SER A 42 -17.32 -11.27 14.98
CA SER A 42 -16.26 -10.35 15.34
C SER A 42 -16.32 -9.90 16.81
N GLY A 43 -17.47 -9.42 17.24
CA GLY A 43 -17.63 -8.98 18.61
C GLY A 43 -17.64 -10.08 19.64
N GLY A 44 -18.56 -11.04 19.50
CA GLY A 44 -18.67 -12.13 20.44
C GLY A 44 -17.39 -12.90 20.74
N LEU A 45 -16.60 -13.19 19.71
CA LEU A 45 -15.37 -13.94 19.92
C LEU A 45 -14.30 -13.12 20.63
N ALA A 46 -14.22 -11.82 20.33
CA ALA A 46 -13.21 -10.97 20.98
C ALA A 46 -13.58 -10.78 22.45
N ALA A 47 -14.87 -10.72 22.73
CA ALA A 47 -15.38 -10.55 24.09
C ALA A 47 -15.16 -11.81 24.92
N ALA A 48 -15.38 -12.97 24.30
CA ALA A 48 -15.18 -14.24 24.97
C ALA A 48 -13.73 -14.43 25.39
N LYS A 49 -12.82 -14.19 24.46
CA LYS A 49 -11.41 -14.35 24.75
C LYS A 49 -10.96 -13.41 25.85
N GLU A 50 -11.53 -12.21 25.87
CA GLU A 50 -11.17 -11.23 26.89
C GLU A 50 -11.66 -11.61 28.29
N ALA A 51 -12.95 -11.92 28.41
CA ALA A 51 -13.52 -12.29 29.70
C ALA A 51 -12.74 -13.48 30.27
N ALA A 52 -12.56 -14.50 29.45
CA ALA A 52 -11.83 -15.69 29.85
C ALA A 52 -10.39 -15.41 30.22
N GLN A 53 -9.90 -14.22 29.88
CA GLN A 53 -8.51 -13.85 30.20
C GLN A 53 -8.41 -13.59 31.69
N TYR A 54 -9.56 -13.42 32.33
CA TYR A 54 -9.62 -13.15 33.74
C TYR A 54 -10.30 -14.31 34.46
N GLY A 55 -10.18 -15.49 33.88
CA GLY A 55 -10.73 -16.69 34.47
C GLY A 55 -12.17 -17.05 34.19
N LYS A 56 -13.05 -16.08 34.39
CA LYS A 56 -14.48 -16.25 34.19
C LYS A 56 -14.89 -17.40 33.26
N LYS A 57 -15.99 -18.07 33.62
CA LYS A 57 -16.51 -19.18 32.81
C LYS A 57 -17.41 -18.60 31.74
N VAL A 58 -17.04 -18.82 30.48
CA VAL A 58 -17.83 -18.30 29.37
C VAL A 58 -18.18 -19.38 28.37
N MET A 59 -19.23 -19.11 27.59
CA MET A 59 -19.70 -20.02 26.56
C MET A 59 -20.21 -19.19 25.40
N VAL A 60 -19.82 -19.55 24.18
CA VAL A 60 -20.28 -18.82 23.01
C VAL A 60 -21.21 -19.74 22.21
N LEU A 61 -22.32 -19.17 21.79
CA LEU A 61 -23.27 -19.91 20.99
C LEU A 61 -23.21 -19.38 19.57
N ASP A 62 -22.80 -20.21 18.61
CA ASP A 62 -22.77 -19.76 17.23
C ASP A 62 -23.38 -20.78 16.28
N PHE A 63 -24.35 -20.31 15.51
CA PHE A 63 -25.05 -21.14 14.55
C PHE A 63 -25.28 -20.20 13.36
N VAL A 64 -25.09 -20.72 12.15
CA VAL A 64 -25.29 -19.94 10.94
C VAL A 64 -26.47 -20.48 10.15
N THR A 65 -27.67 -19.93 10.36
CA THR A 65 -28.82 -20.45 9.63
C THR A 65 -28.54 -20.26 8.14
N PRO A 66 -28.88 -21.25 7.31
CA PRO A 66 -28.67 -21.20 5.86
C PRO A 66 -29.33 -20.06 5.11
N THR A 67 -28.83 -19.82 3.91
CA THR A 67 -29.37 -18.79 3.06
C THR A 67 -30.46 -19.52 2.29
N PRO A 68 -31.36 -18.80 1.63
CA PRO A 68 -32.44 -19.44 0.85
C PRO A 68 -32.01 -20.61 -0.04
N LEU A 69 -30.78 -20.56 -0.52
CA LEU A 69 -30.25 -21.60 -1.41
C LEU A 69 -29.48 -22.67 -0.67
N GLY A 70 -29.58 -22.68 0.66
CA GLY A 70 -28.90 -23.68 1.45
C GLY A 70 -27.46 -23.43 1.88
N THR A 71 -26.84 -22.36 1.42
CA THR A 71 -25.45 -22.07 1.78
C THR A 71 -25.25 -21.68 3.26
N ARG A 72 -24.25 -22.29 3.88
CA ARG A 72 -23.91 -22.05 5.28
C ARG A 72 -22.39 -22.09 5.45
N TRP A 73 -21.91 -21.78 6.65
CA TRP A 73 -20.47 -21.77 6.92
C TRP A 73 -20.10 -21.99 8.38
N GLY A 74 -18.79 -21.97 8.64
CA GLY A 74 -18.27 -22.21 9.98
C GLY A 74 -18.24 -21.04 10.95
N LEU A 75 -17.43 -21.16 11.99
CA LEU A 75 -17.29 -20.14 13.03
C LEU A 75 -16.48 -18.94 12.57
N GLY A 76 -16.61 -17.82 13.29
CA GLY A 76 -15.87 -16.63 12.94
C GLY A 76 -16.71 -15.41 12.62
N GLY A 77 -17.97 -15.61 12.25
CA GLY A 77 -18.84 -14.49 11.92
C GLY A 77 -18.83 -14.02 10.47
N THR A 78 -19.62 -12.99 10.21
CA THR A 78 -19.77 -12.39 8.88
C THR A 78 -18.48 -12.07 8.13
N CYS A 79 -17.69 -11.16 8.68
CA CYS A 79 -16.43 -10.70 8.10
C CYS A 79 -15.45 -11.83 7.72
N VAL A 80 -15.32 -12.83 8.58
CA VAL A 80 -14.41 -13.95 8.31
C VAL A 80 -14.90 -14.91 7.21
N ASN A 81 -16.21 -15.16 7.21
CA ASN A 81 -16.81 -16.08 6.26
C ASN A 81 -17.38 -15.51 4.97
N VAL A 82 -18.21 -14.47 5.09
CA VAL A 82 -18.83 -13.92 3.91
C VAL A 82 -18.69 -12.41 3.82
N GLY A 83 -17.61 -11.88 4.38
CA GLY A 83 -17.41 -10.45 4.37
C GLY A 83 -16.01 -9.95 4.01
N CYS A 84 -15.38 -9.22 4.93
CA CYS A 84 -14.04 -8.65 4.72
C CYS A 84 -12.99 -9.52 4.03
N ILE A 85 -12.65 -10.64 4.68
CA ILE A 85 -11.61 -11.55 4.18
C ILE A 85 -11.79 -12.00 2.73
N PRO A 86 -12.89 -12.71 2.42
CA PRO A 86 -13.11 -13.16 1.04
C PRO A 86 -13.19 -12.01 0.03
N LYS A 87 -13.82 -10.92 0.43
CA LYS A 87 -13.96 -9.75 -0.42
C LYS A 87 -12.60 -9.07 -0.71
N LYS A 88 -11.75 -8.87 0.30
CA LYS A 88 -10.44 -8.25 0.06
C LYS A 88 -9.59 -9.19 -0.79
N LEU A 89 -9.72 -10.50 -0.57
CA LEU A 89 -8.95 -11.46 -1.35
C LEU A 89 -9.33 -11.38 -2.83
N MET A 90 -10.62 -11.36 -3.10
CA MET A 90 -11.06 -11.28 -4.48
C MET A 90 -10.67 -9.93 -5.08
N HIS A 91 -10.59 -8.92 -4.22
CA HIS A 91 -10.18 -7.60 -4.67
C HIS A 91 -8.72 -7.73 -5.13
N GLN A 92 -7.94 -8.46 -4.35
CA GLN A 92 -6.53 -8.69 -4.67
C GLN A 92 -6.39 -9.47 -5.98
N ALA A 93 -7.36 -10.33 -6.28
CA ALA A 93 -7.33 -11.11 -7.52
C ALA A 93 -7.44 -10.16 -8.71
N ALA A 94 -8.29 -9.16 -8.57
CA ALA A 94 -8.48 -8.19 -9.64
C ALA A 94 -7.24 -7.30 -9.74
N LEU A 95 -6.69 -6.87 -8.59
CA LEU A 95 -5.50 -6.03 -8.59
C LEU A 95 -4.34 -6.75 -9.28
N LEU A 96 -4.24 -8.05 -9.08
CA LEU A 96 -3.17 -8.81 -9.70
C LEU A 96 -3.37 -8.86 -11.23
N GLY A 97 -4.62 -8.72 -11.67
CA GLY A 97 -4.88 -8.71 -13.09
C GLY A 97 -4.24 -7.48 -13.68
N GLN A 98 -4.42 -6.35 -12.99
CA GLN A 98 -3.83 -5.09 -13.41
C GLN A 98 -2.31 -5.15 -13.32
N ALA A 99 -1.80 -5.83 -12.30
CA ALA A 99 -0.36 -5.97 -12.13
C ALA A 99 0.23 -6.77 -13.29
N LEU A 100 -0.46 -7.84 -13.71
CA LEU A 100 0.03 -8.66 -14.82
C LEU A 100 0.24 -7.77 -16.04
N GLN A 101 -0.68 -6.84 -16.28
CA GLN A 101 -0.53 -5.94 -17.43
C GLN A 101 0.64 -4.96 -17.20
N ASP A 102 0.61 -4.26 -16.07
CA ASP A 102 1.65 -3.30 -15.69
C ASP A 102 3.07 -3.86 -15.70
N SER A 103 3.22 -5.17 -15.66
CA SER A 103 4.57 -5.71 -15.63
C SER A 103 5.32 -5.67 -16.95
N ARG A 104 4.60 -5.80 -18.06
CA ARG A 104 5.23 -5.79 -19.38
C ARG A 104 6.10 -4.56 -19.62
N ASN A 105 5.59 -3.40 -19.21
CA ASN A 105 6.29 -2.14 -19.39
C ASN A 105 7.54 -2.02 -18.51
N TYR A 106 7.55 -2.76 -17.41
CA TYR A 106 8.67 -2.76 -16.49
C TYR A 106 9.60 -3.87 -16.94
N GLY A 107 9.36 -4.36 -18.15
CA GLY A 107 10.22 -5.38 -18.74
C GLY A 107 9.97 -6.86 -18.51
N TRP A 108 8.75 -7.23 -18.09
CA TRP A 108 8.40 -8.64 -17.86
C TRP A 108 7.61 -9.18 -19.03
N LYS A 109 8.09 -10.28 -19.60
CA LYS A 109 7.45 -10.89 -20.76
C LYS A 109 6.15 -11.63 -20.45
N VAL A 110 5.11 -10.85 -20.21
CA VAL A 110 3.79 -11.38 -19.91
C VAL A 110 3.01 -11.45 -21.21
N GLU A 111 2.02 -12.33 -21.27
CA GLU A 111 1.18 -12.43 -22.46
C GLU A 111 0.36 -11.14 -22.50
N GLU A 112 -0.28 -10.85 -23.64
CA GLU A 112 -1.11 -9.65 -23.78
C GLU A 112 -2.27 -9.77 -22.80
N THR A 113 -2.94 -10.91 -22.86
CA THR A 113 -4.08 -11.17 -21.99
C THR A 113 -3.97 -12.57 -21.38
N VAL A 114 -4.16 -12.61 -20.07
CA VAL A 114 -4.11 -13.84 -19.32
C VAL A 114 -5.53 -14.19 -18.92
N LYS A 115 -5.85 -15.47 -18.92
CA LYS A 115 -7.18 -15.93 -18.56
C LYS A 115 -7.22 -16.10 -17.04
N HIS A 116 -8.43 -16.09 -16.47
CA HIS A 116 -8.61 -16.24 -15.03
C HIS A 116 -9.53 -17.41 -14.75
N ASP A 117 -9.18 -18.24 -13.77
CA ASP A 117 -10.02 -19.39 -13.43
C ASP A 117 -10.80 -19.24 -12.14
N TRP A 118 -12.10 -19.02 -12.29
CA TRP A 118 -13.03 -18.84 -11.17
C TRP A 118 -12.92 -19.86 -10.06
N ASP A 119 -12.91 -21.13 -10.45
CA ASP A 119 -12.86 -22.21 -9.48
C ASP A 119 -11.58 -22.26 -8.70
N ARG A 120 -10.47 -22.04 -9.38
CA ARG A 120 -9.17 -22.05 -8.73
C ARG A 120 -9.20 -21.01 -7.61
N MET A 121 -9.70 -19.83 -7.94
CA MET A 121 -9.78 -18.73 -7.00
C MET A 121 -10.69 -19.04 -5.83
N ILE A 122 -11.92 -19.46 -6.09
CA ILE A 122 -12.83 -19.76 -5.01
C ILE A 122 -12.23 -20.79 -4.06
N GLU A 123 -11.62 -21.84 -4.61
CA GLU A 123 -11.03 -22.86 -3.75
C GLU A 123 -9.97 -22.31 -2.81
N ALA A 124 -9.11 -21.43 -3.34
CA ALA A 124 -8.03 -20.84 -2.56
C ALA A 124 -8.55 -19.98 -1.41
N VAL A 125 -9.64 -19.25 -1.68
CA VAL A 125 -10.28 -18.38 -0.70
C VAL A 125 -10.96 -19.21 0.38
N GLN A 126 -11.65 -20.25 -0.04
CA GLN A 126 -12.34 -21.10 0.90
C GLN A 126 -11.32 -21.81 1.77
N ASN A 127 -10.13 -22.05 1.22
CA ASN A 127 -9.06 -22.69 1.99
C ASN A 127 -8.55 -21.77 3.09
N HIS A 128 -8.52 -20.46 2.84
CA HIS A 128 -8.05 -19.57 3.88
C HIS A 128 -9.11 -19.39 4.92
N ILE A 129 -10.36 -19.30 4.49
CA ILE A 129 -11.45 -19.16 5.45
C ILE A 129 -11.43 -20.39 6.35
N GLY A 130 -11.40 -21.55 5.71
CA GLY A 130 -11.36 -22.81 6.46
C GLY A 130 -10.28 -22.81 7.53
N SER A 131 -9.09 -22.29 7.22
CA SER A 131 -8.01 -22.26 8.21
C SER A 131 -8.37 -21.35 9.37
N LEU A 132 -9.14 -20.30 9.09
CA LEU A 132 -9.55 -19.36 10.13
C LEU A 132 -10.71 -19.97 10.96
N ASN A 133 -11.66 -20.64 10.32
CA ASN A 133 -12.75 -21.25 11.07
C ASN A 133 -12.09 -22.12 12.14
N TRP A 134 -11.05 -22.85 11.72
CA TRP A 134 -10.30 -23.71 12.62
C TRP A 134 -9.50 -22.93 13.67
N GLY A 135 -8.77 -21.91 13.25
CA GLY A 135 -8.00 -21.13 14.20
C GLY A 135 -8.83 -20.59 15.36
N TYR A 136 -10.11 -20.32 15.12
CA TYR A 136 -10.99 -19.78 16.14
C TYR A 136 -11.51 -20.83 17.13
N ARG A 137 -11.67 -22.08 16.69
CA ARG A 137 -12.16 -23.11 17.62
C ARG A 137 -11.04 -23.42 18.61
N VAL A 138 -9.81 -23.36 18.11
CA VAL A 138 -8.63 -23.59 18.93
C VAL A 138 -8.43 -22.49 19.96
N ALA A 139 -8.52 -21.24 19.51
CA ALA A 139 -8.34 -20.12 20.41
C ALA A 139 -9.37 -20.18 21.53
N LEU A 140 -10.59 -20.64 21.22
CA LEU A 140 -11.62 -20.74 22.24
C LEU A 140 -11.25 -21.87 23.20
N ARG A 141 -10.78 -23.00 22.64
CA ARG A 141 -10.37 -24.11 23.49
C ARG A 141 -9.21 -23.68 24.37
N GLU A 142 -8.32 -22.86 23.80
CA GLU A 142 -7.15 -22.33 24.49
C GLU A 142 -7.55 -21.62 25.78
N LYS A 143 -8.35 -20.57 25.67
CA LYS A 143 -8.80 -19.80 26.83
C LYS A 143 -9.84 -20.53 27.67
N LYS A 144 -10.12 -21.79 27.34
CA LYS A 144 -11.10 -22.57 28.07
C LYS A 144 -12.46 -21.89 28.01
N VAL A 145 -12.95 -21.71 26.80
CA VAL A 145 -14.24 -21.10 26.58
C VAL A 145 -15.08 -22.19 25.93
N VAL A 146 -16.32 -22.33 26.38
CA VAL A 146 -17.21 -23.35 25.85
C VAL A 146 -17.87 -22.93 24.55
N TYR A 147 -17.49 -23.58 23.45
CA TYR A 147 -18.08 -23.28 22.16
C TYR A 147 -19.17 -24.32 21.85
N GLU A 148 -20.37 -23.82 21.52
CA GLU A 148 -21.51 -24.64 21.20
C GLU A 148 -22.15 -24.21 19.86
N ASN A 149 -22.20 -25.12 18.89
CA ASN A 149 -22.81 -24.81 17.59
C ASN A 149 -24.33 -25.01 17.69
N ALA A 150 -24.98 -24.08 18.37
CA ALA A 150 -26.42 -24.13 18.55
C ALA A 150 -27.04 -22.73 18.43
N TYR A 151 -28.34 -22.70 18.15
CA TYR A 151 -29.04 -21.42 18.03
C TYR A 151 -29.58 -20.98 19.37
N GLY A 152 -29.02 -19.90 19.92
CA GLY A 152 -29.46 -19.38 21.20
C GLY A 152 -30.79 -18.63 21.13
N GLN A 153 -31.59 -18.75 22.19
CA GLN A 153 -32.90 -18.09 22.24
C GLN A 153 -33.38 -17.93 23.68
N PHE A 154 -33.49 -16.68 24.14
CA PHE A 154 -33.94 -16.40 25.50
C PHE A 154 -35.31 -17.02 25.80
N ILE A 155 -35.49 -17.49 27.04
CA ILE A 155 -36.77 -18.08 27.46
C ILE A 155 -37.22 -17.44 28.77
N GLY A 156 -36.27 -16.86 29.49
CA GLY A 156 -36.59 -16.21 30.76
C GLY A 156 -35.35 -15.59 31.38
N PRO A 157 -35.49 -14.91 32.52
CA PRO A 157 -34.36 -14.27 33.21
C PRO A 157 -33.18 -15.21 33.45
N HIS A 158 -32.03 -14.85 32.92
CA HIS A 158 -30.81 -15.64 33.05
C HIS A 158 -30.90 -17.00 32.41
N ARG A 159 -31.94 -17.21 31.60
CA ARG A 159 -32.12 -18.49 30.93
C ARG A 159 -32.25 -18.41 29.42
N ILE A 160 -31.54 -19.31 28.73
CA ILE A 160 -31.55 -19.36 27.28
C ILE A 160 -31.74 -20.78 26.71
N LYS A 161 -32.33 -20.86 25.53
CA LYS A 161 -32.59 -22.14 24.88
C LYS A 161 -31.81 -22.31 23.58
N ALA A 162 -30.83 -23.23 23.63
CA ALA A 162 -29.97 -23.55 22.49
C ALA A 162 -30.56 -24.71 21.70
N THR A 163 -30.47 -24.64 20.38
CA THR A 163 -31.00 -25.70 19.54
C THR A 163 -29.99 -26.06 18.44
N ASN A 164 -29.33 -27.20 18.60
CA ASN A 164 -28.34 -27.65 17.63
C ASN A 164 -29.02 -28.04 16.32
N ASN A 165 -28.23 -28.35 15.31
CA ASN A 165 -28.73 -28.73 14.00
C ASN A 165 -29.66 -29.94 14.03
N LYS A 166 -29.35 -30.93 14.86
CA LYS A 166 -30.17 -32.13 14.98
C LYS A 166 -31.54 -31.82 15.60
N GLY A 167 -31.56 -30.90 16.55
CA GLY A 167 -32.83 -30.54 17.19
C GLY A 167 -32.82 -30.67 18.69
N LYS A 168 -31.70 -31.13 19.24
CA LYS A 168 -31.56 -31.34 20.69
C LYS A 168 -31.39 -30.03 21.47
N GLU A 169 -32.46 -29.60 22.13
CA GLU A 169 -32.42 -28.37 22.91
C GLU A 169 -31.77 -28.54 24.28
N LYS A 170 -31.50 -27.43 24.94
CA LYS A 170 -30.90 -27.42 26.27
C LYS A 170 -30.89 -26.00 26.80
N ILE A 171 -31.22 -25.85 28.07
CA ILE A 171 -31.27 -24.55 28.70
C ILE A 171 -30.00 -24.32 29.53
N TYR A 172 -29.56 -23.08 29.57
CA TYR A 172 -28.38 -22.71 30.32
C TYR A 172 -28.67 -21.46 31.14
N SER A 173 -27.72 -21.07 31.98
CA SER A 173 -27.87 -19.89 32.79
C SER A 173 -26.50 -19.26 32.94
N ALA A 174 -26.48 -17.95 33.11
CA ALA A 174 -25.23 -17.23 33.29
C ALA A 174 -25.53 -15.95 34.03
N GLU A 175 -24.55 -15.46 34.78
CA GLU A 175 -24.76 -14.23 35.53
C GLU A 175 -25.09 -13.10 34.55
N ARG A 176 -24.38 -13.05 33.43
CA ARG A 176 -24.61 -12.03 32.42
C ARG A 176 -24.71 -12.64 31.01
N PHE A 177 -25.29 -11.90 30.07
CA PHE A 177 -25.46 -12.33 28.69
C PHE A 177 -25.11 -11.22 27.68
N LEU A 178 -24.46 -11.59 26.58
CA LEU A 178 -24.07 -10.61 25.55
C LEU A 178 -24.66 -10.95 24.18
N ILE A 179 -25.42 -10.02 23.62
CA ILE A 179 -26.02 -10.23 22.29
C ILE A 179 -25.02 -9.69 21.27
N ALA A 180 -24.70 -10.52 20.26
CA ALA A 180 -23.74 -10.17 19.21
C ALA A 180 -24.06 -10.98 17.95
N THR A 181 -25.34 -11.00 17.60
CA THR A 181 -25.81 -11.78 16.46
C THR A 181 -25.56 -11.18 15.07
N GLY A 182 -25.10 -9.94 15.01
CA GLY A 182 -24.86 -9.34 13.71
C GLY A 182 -26.08 -9.30 12.81
N GLU A 183 -25.85 -9.18 11.51
CA GLU A 183 -26.93 -9.10 10.53
C GLU A 183 -26.82 -10.14 9.41
N ARG A 184 -27.68 -9.99 8.40
CA ARG A 184 -27.73 -10.90 7.24
C ARG A 184 -28.20 -10.12 6.00
N PRO A 185 -27.97 -10.67 4.80
CA PRO A 185 -28.40 -9.94 3.60
C PRO A 185 -29.93 -9.80 3.53
N ARG A 186 -30.37 -8.63 3.09
CA ARG A 186 -31.78 -8.33 2.97
C ARG A 186 -32.27 -8.56 1.55
N TYR A 187 -33.50 -9.05 1.38
CA TYR A 187 -34.03 -9.28 0.04
C TYR A 187 -35.04 -8.23 -0.41
N LEU A 188 -35.31 -8.21 -1.72
CA LEU A 188 -36.25 -7.25 -2.32
C LEU A 188 -37.71 -7.44 -1.95
N GLY A 189 -38.11 -8.67 -1.70
CA GLY A 189 -39.51 -8.91 -1.37
C GLY A 189 -40.31 -8.94 -2.66
N ILE A 190 -39.63 -9.22 -3.76
CA ILE A 190 -40.27 -9.28 -5.07
C ILE A 190 -40.26 -10.71 -5.60
N PRO A 191 -41.11 -11.00 -6.59
CA PRO A 191 -41.22 -12.34 -7.21
C PRO A 191 -39.98 -12.79 -7.97
N GLY A 192 -39.42 -13.92 -7.53
CA GLY A 192 -38.24 -14.46 -8.20
C GLY A 192 -36.89 -14.22 -7.54
N ASP A 193 -36.83 -13.34 -6.54
CA ASP A 193 -35.55 -13.04 -5.91
C ASP A 193 -34.97 -14.14 -5.00
N LYS A 194 -35.68 -14.50 -3.95
CA LYS A 194 -35.17 -15.52 -3.04
C LYS A 194 -34.92 -16.86 -3.72
N GLU A 195 -35.33 -17.00 -4.97
CA GLU A 195 -35.14 -18.25 -5.68
C GLU A 195 -34.04 -18.26 -6.74
N TYR A 196 -33.85 -17.12 -7.40
CA TYR A 196 -32.84 -17.01 -8.45
C TYR A 196 -31.75 -16.00 -8.11
N CYS A 197 -31.91 -15.29 -6.99
CA CYS A 197 -30.95 -14.28 -6.61
C CYS A 197 -30.03 -14.68 -5.47
N ILE A 198 -28.75 -14.38 -5.66
CA ILE A 198 -27.73 -14.65 -4.67
C ILE A 198 -27.40 -13.36 -3.92
N SER A 199 -26.96 -13.50 -2.69
CA SER A 199 -26.55 -12.35 -1.89
C SER A 199 -25.04 -12.49 -1.74
N SER A 200 -24.39 -11.54 -1.09
CA SER A 200 -22.95 -11.62 -0.89
C SER A 200 -22.64 -12.95 -0.20
N ASP A 201 -23.55 -13.36 0.68
CA ASP A 201 -23.44 -14.61 1.41
C ASP A 201 -23.22 -15.85 0.53
N ASP A 202 -23.66 -15.80 -0.72
CA ASP A 202 -23.50 -16.94 -1.62
C ASP A 202 -22.32 -16.77 -2.55
N LEU A 203 -22.09 -15.54 -2.97
CA LEU A 203 -21.03 -15.21 -3.91
C LEU A 203 -19.66 -15.80 -3.59
N PHE A 204 -19.18 -15.51 -2.39
CA PHE A 204 -17.87 -15.93 -1.94
C PHE A 204 -17.52 -17.42 -2.00
N SER A 205 -18.52 -18.26 -2.27
CA SER A 205 -18.29 -19.69 -2.38
C SER A 205 -19.13 -20.29 -3.51
N LEU A 206 -19.48 -19.46 -4.49
CA LEU A 206 -20.26 -19.90 -5.65
C LEU A 206 -19.51 -21.00 -6.39
N PRO A 207 -20.18 -22.14 -6.64
CA PRO A 207 -19.67 -23.34 -7.33
C PRO A 207 -19.34 -23.16 -8.81
N TYR A 208 -19.71 -22.03 -9.38
CA TYR A 208 -19.43 -21.82 -10.80
C TYR A 208 -19.20 -20.35 -11.08
N CYS A 209 -18.51 -20.09 -12.18
CA CYS A 209 -18.24 -18.73 -12.60
C CYS A 209 -19.56 -18.06 -12.92
N PRO A 210 -19.84 -16.90 -12.31
CA PRO A 210 -21.06 -16.10 -12.45
C PRO A 210 -21.47 -15.63 -13.85
N GLY A 211 -20.50 -15.26 -14.69
CA GLY A 211 -20.84 -14.77 -16.02
C GLY A 211 -21.51 -13.39 -16.04
N LYS A 212 -22.39 -13.17 -17.01
CA LYS A 212 -23.12 -11.91 -17.13
C LYS A 212 -23.76 -11.65 -15.78
N THR A 213 -23.37 -10.57 -15.14
CA THR A 213 -23.88 -10.27 -13.83
C THR A 213 -24.51 -8.91 -13.67
N LEU A 214 -25.63 -8.88 -12.97
CA LEU A 214 -26.33 -7.66 -12.67
C LEU A 214 -26.27 -7.47 -11.16
N VAL A 215 -25.60 -6.44 -10.70
CA VAL A 215 -25.53 -6.21 -9.27
C VAL A 215 -26.62 -5.22 -8.91
N VAL A 216 -27.47 -5.57 -7.95
CA VAL A 216 -28.52 -4.67 -7.50
C VAL A 216 -28.14 -4.03 -6.18
N GLY A 217 -28.04 -2.71 -6.20
CA GLY A 217 -27.67 -1.97 -5.01
C GLY A 217 -26.55 -0.99 -5.33
N ALA A 218 -26.18 -0.19 -4.33
CA ALA A 218 -25.12 0.79 -4.49
C ALA A 218 -24.40 0.97 -3.17
N SER A 219 -24.51 -0.02 -2.29
CA SER A 219 -23.82 0.02 -1.00
C SER A 219 -22.36 -0.29 -1.31
N TYR A 220 -21.46 -0.17 -0.34
CA TYR A 220 -20.06 -0.47 -0.65
C TYR A 220 -19.93 -1.97 -0.96
N VAL A 221 -20.82 -2.77 -0.40
CA VAL A 221 -20.83 -4.19 -0.70
C VAL A 221 -21.07 -4.36 -2.22
N ALA A 222 -22.08 -3.65 -2.74
CA ALA A 222 -22.44 -3.72 -4.15
C ALA A 222 -21.33 -3.32 -5.10
N LEU A 223 -20.73 -2.16 -4.85
CA LEU A 223 -19.66 -1.67 -5.71
C LEU A 223 -18.35 -2.44 -5.53
N GLU A 224 -18.04 -2.87 -4.31
CA GLU A 224 -16.81 -3.62 -4.13
C GLU A 224 -16.91 -4.90 -4.94
N CYS A 225 -18.06 -5.58 -4.84
CA CYS A 225 -18.27 -6.83 -5.56
C CYS A 225 -18.32 -6.60 -7.07
N ALA A 226 -19.12 -5.62 -7.49
CA ALA A 226 -19.25 -5.30 -8.90
C ALA A 226 -17.85 -5.04 -9.42
N GLY A 227 -17.07 -4.38 -8.57
CA GLY A 227 -15.71 -4.01 -8.90
C GLY A 227 -14.76 -5.15 -9.18
N PHE A 228 -14.59 -6.07 -8.23
CA PHE A 228 -13.66 -7.14 -8.52
C PHE A 228 -14.16 -8.14 -9.58
N LEU A 229 -15.48 -8.33 -9.69
CA LEU A 229 -15.98 -9.25 -10.71
C LEU A 229 -15.53 -8.71 -12.08
N ALA A 230 -15.69 -7.41 -12.27
CA ALA A 230 -15.27 -6.79 -13.52
C ALA A 230 -13.76 -6.95 -13.66
N GLY A 231 -13.05 -6.90 -12.54
CA GLY A 231 -11.61 -7.03 -12.55
C GLY A 231 -11.07 -8.36 -13.06
N ILE A 232 -11.80 -9.45 -12.83
CA ILE A 232 -11.32 -10.73 -13.32
C ILE A 232 -11.83 -11.03 -14.72
N GLY A 233 -12.52 -10.05 -15.31
CA GLY A 233 -13.01 -10.20 -16.67
C GLY A 233 -14.47 -10.53 -16.93
N LEU A 234 -15.36 -10.23 -16.01
CA LEU A 234 -16.77 -10.52 -16.26
C LEU A 234 -17.58 -9.27 -16.64
N ASP A 235 -18.65 -9.47 -17.40
CA ASP A 235 -19.53 -8.38 -17.83
C ASP A 235 -20.41 -8.00 -16.66
N VAL A 236 -20.09 -6.90 -15.98
CA VAL A 236 -20.84 -6.52 -14.79
C VAL A 236 -21.69 -5.28 -14.99
N THR A 237 -22.90 -5.31 -14.44
CA THR A 237 -23.82 -4.19 -14.54
C THR A 237 -24.29 -3.88 -13.12
N VAL A 238 -24.61 -2.62 -12.85
CA VAL A 238 -25.10 -2.21 -11.52
C VAL A 238 -26.37 -1.36 -11.64
N MET A 239 -27.45 -1.82 -11.02
CA MET A 239 -28.72 -1.10 -11.05
C MET A 239 -28.88 -0.30 -9.76
N VAL A 240 -28.88 1.02 -9.90
CA VAL A 240 -28.95 1.91 -8.74
C VAL A 240 -30.30 2.59 -8.57
N ARG A 241 -30.81 2.58 -7.34
CA ARG A 241 -32.09 3.21 -7.04
C ARG A 241 -31.89 4.72 -7.11
N SER A 242 -31.28 5.27 -6.06
CA SER A 242 -31.01 6.69 -6.01
C SER A 242 -29.52 6.96 -6.15
N ILE A 243 -28.90 7.45 -5.07
CA ILE A 243 -27.48 7.78 -5.08
C ILE A 243 -26.54 6.58 -4.95
N LEU A 244 -25.27 6.88 -4.73
CA LEU A 244 -24.25 5.87 -4.54
C LEU A 244 -23.68 6.09 -3.15
N LEU A 245 -23.26 5.01 -2.52
CA LEU A 245 -22.68 5.05 -1.18
C LEU A 245 -23.34 6.04 -0.23
N ARG A 246 -24.63 5.83 -0.02
CA ARG A 246 -25.41 6.69 0.86
C ARG A 246 -24.71 6.74 2.22
N GLY A 247 -24.34 7.94 2.67
CA GLY A 247 -23.66 8.04 3.96
C GLY A 247 -22.19 8.37 3.85
N PHE A 248 -21.69 8.50 2.62
CA PHE A 248 -20.28 8.84 2.39
C PHE A 248 -20.23 10.17 1.64
N ASP A 249 -19.08 10.83 1.73
CA ASP A 249 -18.88 12.09 1.04
C ASP A 249 -19.30 11.83 -0.41
N GLN A 250 -20.30 12.56 -0.89
CA GLN A 250 -20.79 12.36 -2.26
C GLN A 250 -19.85 12.74 -3.37
N ASP A 251 -19.03 13.76 -3.13
CA ASP A 251 -18.04 14.21 -4.12
C ASP A 251 -17.15 12.99 -4.38
N MET A 252 -16.75 12.30 -3.32
CA MET A 252 -15.91 11.13 -3.48
C MET A 252 -16.71 9.99 -4.12
N ALA A 253 -17.90 9.74 -3.59
CA ALA A 253 -18.77 8.69 -4.09
C ALA A 253 -18.85 8.69 -5.62
N ASN A 254 -19.08 9.86 -6.21
CA ASN A 254 -19.17 9.92 -7.66
C ASN A 254 -17.84 9.80 -8.38
N LYS A 255 -16.76 10.28 -7.76
CA LYS A 255 -15.47 10.12 -8.40
C LYS A 255 -15.26 8.62 -8.56
N ILE A 256 -15.72 7.84 -7.58
CA ILE A 256 -15.61 6.38 -7.61
C ILE A 256 -16.49 5.79 -8.73
N GLY A 257 -17.77 6.17 -8.76
CA GLY A 257 -18.66 5.69 -9.78
C GLY A 257 -18.11 5.99 -11.16
N GLU A 258 -17.68 7.23 -11.35
CA GLU A 258 -17.11 7.67 -12.62
C GLU A 258 -15.95 6.75 -13.03
N HIS A 259 -15.12 6.39 -12.06
CA HIS A 259 -13.97 5.53 -12.32
C HIS A 259 -14.37 4.13 -12.75
N MET A 260 -15.33 3.56 -12.06
CA MET A 260 -15.82 2.22 -12.38
C MET A 260 -16.37 2.16 -13.81
N GLU A 261 -17.14 3.16 -14.19
CA GLU A 261 -17.71 3.25 -15.53
C GLU A 261 -16.55 3.38 -16.54
N GLU A 262 -15.56 4.20 -16.20
CA GLU A 262 -14.36 4.40 -17.03
C GLU A 262 -13.66 3.06 -17.23
N HIS A 263 -13.69 2.22 -16.20
CA HIS A 263 -13.03 0.93 -16.28
C HIS A 263 -13.94 -0.25 -16.57
N GLY A 264 -14.91 -0.03 -17.46
CA GLY A 264 -15.82 -1.09 -17.86
C GLY A 264 -17.23 -1.25 -17.33
N ILE A 265 -17.41 -1.07 -16.03
CA ILE A 265 -18.72 -1.26 -15.44
C ILE A 265 -19.83 -0.38 -15.98
N LYS A 266 -20.97 -1.01 -16.24
CA LYS A 266 -22.17 -0.34 -16.76
C LYS A 266 -23.14 -0.06 -15.63
N PHE A 267 -23.70 1.15 -15.60
CA PHE A 267 -24.65 1.56 -14.57
C PHE A 267 -26.03 1.88 -15.12
N ILE A 268 -27.06 1.56 -14.35
CA ILE A 268 -28.45 1.84 -14.68
C ILE A 268 -29.02 2.58 -13.47
N ARG A 269 -29.14 3.92 -13.58
CA ARG A 269 -29.62 4.77 -12.49
C ARG A 269 -31.14 4.92 -12.42
N GLN A 270 -31.64 5.27 -11.24
CA GLN A 270 -33.07 5.48 -11.03
C GLN A 270 -33.95 4.31 -11.53
N PHE A 271 -33.55 3.09 -11.20
CA PHE A 271 -34.31 1.91 -11.57
C PHE A 271 -34.28 0.90 -10.44
N VAL A 272 -35.25 -0.02 -10.45
CA VAL A 272 -35.36 -1.04 -9.42
C VAL A 272 -36.16 -2.22 -9.94
N PRO A 273 -35.65 -3.44 -9.74
CA PRO A 273 -36.31 -4.67 -10.20
C PRO A 273 -37.67 -4.92 -9.54
N ILE A 274 -38.57 -5.54 -10.28
CA ILE A 274 -39.90 -5.84 -9.76
C ILE A 274 -40.20 -7.31 -9.86
N LYS A 275 -39.42 -8.02 -10.68
CA LYS A 275 -39.61 -9.45 -10.86
C LYS A 275 -38.46 -10.14 -11.59
N VAL A 276 -38.11 -11.36 -11.17
CA VAL A 276 -37.04 -12.09 -11.84
C VAL A 276 -37.62 -13.41 -12.36
N GLU A 277 -37.24 -13.80 -13.58
CA GLU A 277 -37.74 -15.04 -14.17
C GLU A 277 -36.60 -15.86 -14.76
N GLN A 278 -36.65 -17.17 -14.56
CA GLN A 278 -35.63 -18.06 -15.08
C GLN A 278 -35.86 -18.45 -16.55
N ILE A 279 -34.90 -18.11 -17.40
CA ILE A 279 -34.98 -18.47 -18.81
C ILE A 279 -34.53 -19.94 -18.94
N GLU A 280 -33.37 -20.25 -18.37
CA GLU A 280 -32.82 -21.59 -18.39
C GLU A 280 -32.06 -21.83 -17.10
N ALA A 281 -32.04 -23.06 -16.62
CA ALA A 281 -31.32 -23.38 -15.40
C ALA A 281 -29.93 -23.80 -15.84
N GLY A 282 -28.92 -23.50 -15.03
CA GLY A 282 -27.58 -23.89 -15.40
C GLY A 282 -26.52 -23.47 -14.41
N THR A 283 -25.28 -23.91 -14.63
CA THR A 283 -24.14 -23.57 -13.77
C THR A 283 -23.17 -22.65 -14.49
N PRO A 284 -23.54 -21.39 -14.73
CA PRO A 284 -24.81 -20.74 -14.37
C PRO A 284 -25.94 -20.94 -15.38
N GLY A 285 -27.09 -20.39 -15.03
CA GLY A 285 -28.24 -20.45 -15.91
C GLY A 285 -28.38 -19.10 -16.60
N ARG A 286 -29.61 -18.73 -16.93
CA ARG A 286 -29.87 -17.47 -17.60
C ARG A 286 -31.12 -16.91 -16.95
N LEU A 287 -31.11 -15.63 -16.65
CA LEU A 287 -32.26 -15.02 -16.00
C LEU A 287 -32.73 -13.77 -16.70
N ARG A 288 -33.99 -13.43 -16.48
CA ARG A 288 -34.55 -12.24 -17.05
C ARG A 288 -34.96 -11.33 -15.90
N VAL A 289 -34.57 -10.06 -15.96
CA VAL A 289 -34.93 -9.14 -14.89
C VAL A 289 -35.81 -7.99 -15.38
N VAL A 290 -37.03 -7.90 -14.85
CA VAL A 290 -37.95 -6.83 -15.22
C VAL A 290 -37.74 -5.76 -14.15
N ALA A 291 -37.57 -4.51 -14.57
CA ALA A 291 -37.33 -3.44 -13.61
C ALA A 291 -38.11 -2.18 -13.95
N GLN A 292 -38.53 -1.45 -12.91
CA GLN A 292 -39.28 -0.21 -13.10
C GLN A 292 -38.59 1.04 -12.55
N SER A 293 -38.62 2.11 -13.35
CA SER A 293 -38.01 3.38 -12.97
C SER A 293 -38.42 3.81 -11.56
N THR A 294 -37.57 4.59 -10.91
CA THR A 294 -37.84 5.06 -9.56
C THR A 294 -39.08 5.92 -9.49
N ASN A 295 -39.26 6.82 -10.45
CA ASN A 295 -40.42 7.69 -10.48
C ASN A 295 -41.38 7.36 -11.62
N SER A 296 -40.93 7.56 -12.86
CA SER A 296 -41.76 7.28 -14.01
C SER A 296 -42.23 5.84 -13.93
N GLU A 297 -43.01 5.42 -14.91
CA GLU A 297 -43.52 4.06 -14.94
C GLU A 297 -42.79 3.28 -16.04
N GLU A 298 -41.79 3.94 -16.62
CA GLU A 298 -41.00 3.31 -17.67
C GLU A 298 -40.41 2.04 -17.10
N ILE A 299 -40.51 0.95 -17.84
CA ILE A 299 -39.99 -0.34 -17.39
C ILE A 299 -39.14 -0.99 -18.47
N ILE A 300 -38.08 -1.66 -18.04
CA ILE A 300 -37.18 -2.33 -18.96
C ILE A 300 -36.80 -3.71 -18.44
N GLU A 301 -36.31 -4.56 -19.34
CA GLU A 301 -35.91 -5.91 -18.95
C GLU A 301 -34.61 -6.31 -19.62
N GLY A 302 -33.75 -6.99 -18.87
CA GLY A 302 -32.48 -7.43 -19.41
C GLY A 302 -32.24 -8.88 -19.10
N GLU A 303 -31.24 -9.47 -19.74
CA GLU A 303 -30.93 -10.87 -19.53
C GLU A 303 -29.55 -11.04 -18.87
N TYR A 304 -29.51 -11.77 -17.76
CA TYR A 304 -28.26 -12.00 -17.05
C TYR A 304 -28.06 -13.45 -16.63
N ASN A 305 -26.80 -13.81 -16.42
CA ASN A 305 -26.47 -15.16 -15.98
C ASN A 305 -26.59 -15.28 -14.46
N THR A 306 -26.34 -14.18 -13.75
CA THR A 306 -26.40 -14.15 -12.28
C THR A 306 -26.90 -12.79 -11.79
N VAL A 307 -27.72 -12.78 -10.75
CA VAL A 307 -28.24 -11.55 -10.20
C VAL A 307 -27.97 -11.50 -8.71
N MET A 308 -27.21 -10.50 -8.28
CA MET A 308 -26.88 -10.35 -6.86
C MET A 308 -27.60 -9.20 -6.18
N LEU A 309 -28.11 -9.43 -4.98
CA LEU A 309 -28.79 -8.39 -4.26
C LEU A 309 -27.94 -7.89 -3.10
N ALA A 310 -27.48 -6.65 -3.22
CA ALA A 310 -26.68 -6.02 -2.17
C ALA A 310 -27.43 -4.73 -1.86
N ILE A 311 -28.62 -4.90 -1.29
CA ILE A 311 -29.48 -3.77 -0.98
C ILE A 311 -29.59 -3.44 0.52
N GLY A 312 -28.76 -4.06 1.35
CA GLY A 312 -28.83 -3.78 2.77
C GLY A 312 -28.81 -5.04 3.60
N ARG A 313 -28.65 -4.88 4.91
CA ARG A 313 -28.62 -6.01 5.82
C ARG A 313 -29.57 -5.77 7.00
N ASP A 314 -30.04 -6.85 7.60
CA ASP A 314 -30.99 -6.77 8.71
C ASP A 314 -30.55 -7.46 9.99
N ALA A 315 -30.69 -6.75 11.10
CA ALA A 315 -30.29 -7.27 12.40
C ALA A 315 -31.01 -8.56 12.81
N CYS A 316 -30.26 -9.49 13.36
CA CYS A 316 -30.82 -10.74 13.82
C CYS A 316 -31.19 -10.53 15.28
N THR A 317 -32.23 -9.75 15.52
CA THR A 317 -32.68 -9.42 16.87
C THR A 317 -34.16 -9.71 17.13
N ARG A 318 -34.83 -10.36 16.19
CA ARG A 318 -36.23 -10.65 16.35
C ARG A 318 -36.51 -12.09 16.76
N LYS A 319 -36.21 -13.04 15.86
CA LYS A 319 -36.45 -14.45 16.15
C LYS A 319 -35.55 -15.05 17.23
N ILE A 320 -35.20 -14.28 18.25
CA ILE A 320 -34.35 -14.81 19.32
C ILE A 320 -34.90 -14.50 20.71
N GLY A 321 -36.20 -14.20 20.76
CA GLY A 321 -36.88 -13.90 22.02
C GLY A 321 -36.23 -12.97 23.04
N LEU A 322 -36.49 -11.68 22.92
CA LEU A 322 -35.91 -10.74 23.87
C LEU A 322 -36.99 -10.29 24.84
N GLU A 323 -38.24 -10.43 24.42
CA GLU A 323 -39.38 -10.04 25.27
C GLU A 323 -39.46 -10.89 26.52
N THR A 324 -39.19 -12.18 26.37
CA THR A 324 -39.22 -13.11 27.49
C THR A 324 -38.21 -12.69 28.55
N VAL A 325 -37.26 -11.84 28.18
CA VAL A 325 -36.24 -11.41 29.12
C VAL A 325 -36.37 -9.92 29.43
N GLY A 326 -36.99 -9.18 28.53
CA GLY A 326 -37.19 -7.77 28.77
C GLY A 326 -36.45 -6.75 27.91
N VAL A 327 -35.33 -7.14 27.32
CA VAL A 327 -34.56 -6.21 26.49
C VAL A 327 -35.40 -5.56 25.40
N LYS A 328 -35.38 -4.22 25.39
CA LYS A 328 -36.14 -3.44 24.43
C LYS A 328 -35.33 -2.98 23.23
N ILE A 329 -35.92 -3.14 22.05
CA ILE A 329 -35.27 -2.77 20.80
C ILE A 329 -36.07 -1.71 20.07
N ASN A 330 -35.72 -1.49 18.81
CA ASN A 330 -36.40 -0.51 17.97
C ASN A 330 -37.32 -1.28 17.05
N GLU A 331 -38.62 -1.24 17.36
CA GLU A 331 -39.66 -1.94 16.61
C GLU A 331 -39.59 -1.86 15.08
N LYS A 332 -38.77 -0.97 14.53
CA LYS A 332 -38.71 -0.88 13.07
C LYS A 332 -37.38 -1.17 12.41
N THR A 333 -36.27 -0.85 13.07
CA THR A 333 -34.96 -1.10 12.49
C THR A 333 -34.37 -2.41 13.01
N GLY A 334 -34.71 -2.75 14.25
CA GLY A 334 -34.20 -3.97 14.84
C GLY A 334 -32.95 -3.70 15.65
N LYS A 335 -32.51 -2.45 15.61
CA LYS A 335 -31.33 -2.03 16.33
C LYS A 335 -31.54 -2.04 17.84
N ILE A 336 -30.47 -2.27 18.59
CA ILE A 336 -30.56 -2.31 20.04
C ILE A 336 -29.91 -1.09 20.67
N PRO A 337 -30.70 -0.30 21.42
CA PRO A 337 -30.25 0.90 22.11
C PRO A 337 -29.47 0.50 23.35
N VAL A 338 -28.27 1.05 23.53
CA VAL A 338 -27.47 0.72 24.69
C VAL A 338 -26.79 1.94 25.30
N THR A 339 -26.22 1.77 26.48
CA THR A 339 -25.53 2.86 27.14
C THR A 339 -24.11 2.91 26.57
N ASP A 340 -23.42 4.03 26.74
CA ASP A 340 -22.07 4.12 26.21
C ASP A 340 -21.18 3.03 26.77
N GLU A 341 -21.73 2.23 27.68
CA GLU A 341 -20.98 1.11 28.27
C GLU A 341 -21.49 -0.20 27.67
N GLU A 342 -22.29 -0.07 26.62
CA GLU A 342 -22.86 -1.18 25.87
C GLU A 342 -24.03 -1.92 26.51
N GLN A 343 -24.35 -1.58 27.75
CA GLN A 343 -25.44 -2.22 28.47
C GLN A 343 -26.81 -1.83 27.92
N THR A 344 -27.74 -2.78 27.86
CA THR A 344 -29.10 -2.51 27.38
C THR A 344 -29.89 -2.11 28.64
N ASN A 345 -31.22 -2.10 28.57
CA ASN A 345 -32.00 -1.73 29.75
C ASN A 345 -31.81 -2.72 30.91
N VAL A 346 -31.76 -4.02 30.60
CA VAL A 346 -31.54 -5.02 31.64
C VAL A 346 -30.05 -5.05 32.00
N PRO A 347 -29.72 -4.76 33.28
CA PRO A 347 -28.38 -4.70 33.87
C PRO A 347 -27.42 -5.86 33.64
N TYR A 348 -27.92 -6.99 33.17
CA TYR A 348 -27.04 -8.14 32.94
C TYR A 348 -26.99 -8.54 31.47
N ILE A 349 -27.70 -7.79 30.63
CA ILE A 349 -27.74 -8.05 29.19
C ILE A 349 -27.11 -6.94 28.36
N TYR A 350 -25.86 -7.15 27.94
CA TYR A 350 -25.15 -6.17 27.11
C TYR A 350 -25.36 -6.52 25.65
N ALA A 351 -24.81 -5.72 24.75
CA ALA A 351 -24.92 -5.96 23.31
C ALA A 351 -23.88 -5.15 22.52
N ILE A 352 -23.37 -5.70 21.43
CA ILE A 352 -22.36 -5.02 20.62
C ILE A 352 -22.49 -5.40 19.14
N GLY A 353 -21.62 -4.82 18.32
CA GLY A 353 -21.59 -5.13 16.89
C GLY A 353 -22.55 -4.37 16.01
N ASP A 354 -22.86 -4.93 14.84
CA ASP A 354 -23.76 -4.32 13.86
C ASP A 354 -25.16 -4.00 14.39
N ILE A 355 -25.76 -4.96 15.09
CA ILE A 355 -27.10 -4.79 15.62
C ILE A 355 -27.33 -3.52 16.43
N LEU A 356 -26.24 -2.93 16.95
CA LEU A 356 -26.33 -1.71 17.75
C LEU A 356 -26.93 -0.53 17.00
N GLU A 357 -27.64 0.33 17.75
CA GLU A 357 -28.30 1.50 17.18
C GLU A 357 -27.40 2.74 17.07
N ASP A 358 -27.36 3.31 15.86
CA ASP A 358 -26.56 4.49 15.60
C ASP A 358 -25.10 4.37 16.07
N LYS A 359 -24.41 3.35 15.55
CA LYS A 359 -23.02 3.13 15.91
C LYS A 359 -22.21 2.98 14.62
N VAL A 360 -21.13 2.21 14.69
CA VAL A 360 -20.31 2.00 13.50
C VAL A 360 -20.36 0.52 13.21
N GLU A 361 -20.93 0.15 12.06
CA GLU A 361 -21.01 -1.26 11.70
C GLU A 361 -19.75 -1.72 10.98
N LEU A 362 -18.68 -1.89 11.74
CA LEU A 362 -17.42 -2.36 11.19
C LEU A 362 -16.81 -3.34 12.15
N THR A 363 -16.11 -4.33 11.62
CA THR A 363 -15.49 -5.35 12.42
C THR A 363 -14.59 -4.85 13.56
N PRO A 364 -13.61 -3.98 13.27
CA PRO A 364 -12.71 -3.48 14.32
C PRO A 364 -13.46 -2.83 15.48
N VAL A 365 -14.54 -2.14 15.13
CA VAL A 365 -15.36 -1.49 16.12
C VAL A 365 -15.91 -2.58 17.04
N ALA A 366 -16.74 -3.46 16.49
CA ALA A 366 -17.34 -4.54 17.27
C ALA A 366 -16.31 -5.19 18.20
N ILE A 367 -15.09 -5.37 17.67
CA ILE A 367 -13.99 -5.96 18.41
C ILE A 367 -13.43 -5.06 19.53
N GLN A 368 -13.36 -3.76 19.28
CA GLN A 368 -12.86 -2.83 20.30
C GLN A 368 -13.90 -2.80 21.42
N ALA A 369 -15.17 -2.76 21.01
CA ALA A 369 -16.29 -2.74 21.93
C ALA A 369 -16.28 -4.00 22.79
N GLY A 370 -16.08 -5.15 22.16
CA GLY A 370 -16.05 -6.40 22.88
C GLY A 370 -14.91 -6.51 23.88
N ARG A 371 -13.69 -6.18 23.47
CA ARG A 371 -12.55 -6.25 24.38
C ARG A 371 -12.65 -5.32 25.60
N LEU A 372 -13.30 -4.17 25.42
CA LEU A 372 -13.46 -3.19 26.50
C LEU A 372 -14.56 -3.62 27.48
N LEU A 373 -15.74 -3.91 26.95
CA LEU A 373 -16.85 -4.34 27.78
C LEU A 373 -16.42 -5.46 28.73
N ALA A 374 -15.44 -6.24 28.33
CA ALA A 374 -14.98 -7.33 29.18
C ALA A 374 -14.04 -6.82 30.28
N GLN A 375 -13.25 -5.81 29.96
CA GLN A 375 -12.33 -5.26 30.95
C GLN A 375 -13.04 -4.48 32.04
N ARG A 376 -14.09 -3.75 31.69
CA ARG A 376 -14.83 -3.01 32.70
C ARG A 376 -15.46 -4.03 33.65
N LEU A 377 -16.16 -4.99 33.07
CA LEU A 377 -16.84 -6.04 33.83
C LEU A 377 -15.97 -6.94 34.67
N TYR A 378 -14.74 -7.19 34.26
CA TYR A 378 -13.88 -8.10 35.02
C TYR A 378 -12.45 -7.64 35.28
N ALA A 379 -12.05 -6.48 34.76
CA ALA A 379 -10.67 -6.03 34.95
C ALA A 379 -10.54 -4.76 35.78
N GLY A 380 -11.63 -4.00 35.88
CA GLY A 380 -11.58 -2.77 36.66
C GLY A 380 -11.47 -1.57 35.75
N SER A 381 -11.12 -1.81 34.48
CA SER A 381 -10.98 -0.75 33.49
C SER A 381 -12.27 0.07 33.43
N THR A 382 -12.13 1.35 33.10
CA THR A 382 -13.30 2.23 33.03
C THR A 382 -13.35 2.89 31.65
N VAL A 383 -12.51 2.42 30.74
CA VAL A 383 -12.41 2.96 29.39
C VAL A 383 -13.56 2.58 28.46
N LYS A 384 -14.15 3.60 27.83
CA LYS A 384 -15.27 3.40 26.93
C LYS A 384 -14.78 3.31 25.48
N CYS A 385 -15.62 2.76 24.60
CA CYS A 385 -15.26 2.64 23.20
C CYS A 385 -15.62 3.92 22.46
N ASP A 386 -14.67 4.42 21.69
CA ASP A 386 -14.86 5.66 20.94
C ASP A 386 -15.46 5.42 19.55
N TYR A 387 -16.67 5.93 19.32
CA TYR A 387 -17.33 5.77 18.02
C TYR A 387 -17.19 7.01 17.17
N GLU A 388 -16.32 7.91 17.64
CA GLU A 388 -16.06 9.16 16.94
C GLU A 388 -14.86 8.99 15.99
N ASN A 389 -15.01 9.55 14.79
CA ASN A 389 -13.97 9.53 13.78
C ASN A 389 -13.33 8.17 13.54
N VAL A 390 -14.15 7.15 13.33
CA VAL A 390 -13.61 5.82 13.06
C VAL A 390 -13.27 5.82 11.58
N PRO A 391 -12.07 5.35 11.22
CA PRO A 391 -11.71 5.33 9.80
C PRO A 391 -12.35 4.15 9.06
N THR A 392 -12.46 4.29 7.74
CA THR A 392 -13.04 3.24 6.92
C THR A 392 -12.37 3.27 5.54
N THR A 393 -12.50 2.16 4.81
CA THR A 393 -11.95 2.07 3.45
C THR A 393 -12.89 1.22 2.60
N VAL A 394 -13.21 1.70 1.39
CA VAL A 394 -14.05 0.94 0.49
C VAL A 394 -13.08 0.43 -0.57
N PHE A 395 -13.08 -0.89 -0.77
CA PHE A 395 -12.17 -1.49 -1.73
C PHE A 395 -12.70 -1.67 -3.15
N THR A 396 -12.97 -0.52 -3.77
CA THR A 396 -13.44 -0.45 -5.15
C THR A 396 -12.20 -0.47 -6.07
N PRO A 397 -12.39 -0.63 -7.39
CA PRO A 397 -11.26 -0.66 -8.34
C PRO A 397 -10.19 0.34 -7.94
N LEU A 398 -10.63 1.50 -7.50
CA LEU A 398 -9.72 2.49 -6.99
C LEU A 398 -10.18 2.67 -5.53
N GLU A 399 -9.34 2.22 -4.61
CA GLU A 399 -9.64 2.29 -3.19
C GLU A 399 -9.97 3.69 -2.68
N TYR A 400 -10.82 3.75 -1.67
CA TYR A 400 -11.20 5.03 -1.10
C TYR A 400 -11.12 4.91 0.42
N GLY A 401 -10.38 5.81 1.04
CA GLY A 401 -10.25 5.79 2.48
C GLY A 401 -10.75 7.10 3.08
N ALA A 402 -11.44 7.01 4.22
CA ALA A 402 -11.98 8.21 4.85
C ALA A 402 -11.96 8.11 6.35
N CYS A 403 -11.99 9.28 6.98
CA CYS A 403 -12.01 9.39 8.41
C CYS A 403 -12.45 10.80 8.79
N GLY A 404 -13.44 10.88 9.68
CA GLY A 404 -13.96 12.17 10.10
C GLY A 404 -15.22 12.53 9.32
N LEU A 405 -15.56 13.81 9.31
CA LEU A 405 -16.77 14.29 8.63
C LEU A 405 -16.58 14.38 7.13
N SER A 406 -17.68 14.32 6.39
CA SER A 406 -17.62 14.44 4.95
C SER A 406 -17.68 15.95 4.67
N GLU A 407 -17.59 16.34 3.42
CA GLU A 407 -17.66 17.76 3.12
C GLU A 407 -19.06 18.25 3.48
N GLU A 408 -20.08 17.68 2.84
CA GLU A 408 -21.46 18.08 3.10
C GLU A 408 -21.82 18.10 4.59
N LYS A 409 -21.27 17.17 5.36
CA LYS A 409 -21.56 17.13 6.79
C LYS A 409 -20.84 18.25 7.54
N ALA A 410 -19.70 18.68 7.01
CA ALA A 410 -18.91 19.74 7.63
C ALA A 410 -19.56 21.11 7.53
N VAL A 411 -20.04 21.46 6.35
CA VAL A 411 -20.70 22.74 6.14
C VAL A 411 -21.94 22.83 7.05
N GLU A 412 -22.71 21.75 7.09
CA GLU A 412 -23.92 21.70 7.90
C GLU A 412 -23.67 21.92 9.39
N LYS A 413 -22.64 21.26 9.91
CA LYS A 413 -22.29 21.33 11.32
C LYS A 413 -21.47 22.56 11.72
N PHE A 414 -20.82 23.21 10.76
CA PHE A 414 -19.99 24.37 11.09
C PHE A 414 -20.28 25.64 10.30
N GLY A 415 -21.14 25.56 9.29
CA GLY A 415 -21.43 26.73 8.50
C GLY A 415 -20.41 26.85 7.39
N GLU A 416 -20.91 26.96 6.16
CA GLU A 416 -20.07 27.05 4.97
C GLU A 416 -18.88 28.01 5.06
N GLU A 417 -19.03 29.12 5.78
CA GLU A 417 -17.96 30.12 5.89
C GLU A 417 -16.78 29.78 6.79
N ASN A 418 -16.84 28.64 7.48
CA ASN A 418 -15.73 28.25 8.35
C ASN A 418 -15.11 26.95 7.88
N ILE A 419 -15.59 26.44 6.74
CA ILE A 419 -15.10 25.20 6.19
C ILE A 419 -14.20 25.38 4.98
N GLU A 420 -12.89 25.20 5.20
CA GLU A 420 -11.94 25.28 4.12
C GLU A 420 -11.55 23.88 3.67
N VAL A 421 -11.75 23.60 2.38
CA VAL A 421 -11.41 22.30 1.84
C VAL A 421 -10.15 22.37 0.98
N TYR A 422 -9.09 21.68 1.41
CA TYR A 422 -7.84 21.65 0.67
C TYR A 422 -7.77 20.32 -0.10
N HIS A 423 -7.53 20.39 -1.39
CA HIS A 423 -7.48 19.19 -2.20
C HIS A 423 -6.38 19.22 -3.26
N SER A 424 -6.21 18.10 -3.94
CA SER A 424 -5.21 17.96 -4.97
C SER A 424 -5.33 16.58 -5.65
N TYR A 425 -4.86 16.48 -6.89
CA TYR A 425 -4.83 15.20 -7.56
C TYR A 425 -3.42 14.67 -7.31
N PHE A 426 -3.14 13.44 -7.73
CA PHE A 426 -1.81 12.87 -7.61
C PHE A 426 -1.75 11.67 -8.55
N TRP A 427 -0.55 11.40 -9.06
CA TRP A 427 -0.36 10.29 -9.99
C TRP A 427 0.67 9.31 -9.45
N PRO A 428 0.19 8.19 -8.89
CA PRO A 428 1.09 7.18 -8.33
C PRO A 428 2.27 6.94 -9.26
N LEU A 429 3.49 7.13 -8.74
CA LEU A 429 4.70 6.93 -9.52
C LEU A 429 4.68 5.58 -10.24
N GLU A 430 4.11 4.57 -9.58
CA GLU A 430 4.03 3.22 -10.15
C GLU A 430 3.15 3.20 -11.41
N TRP A 431 2.34 4.24 -11.62
CA TRP A 431 1.48 4.26 -12.79
C TRP A 431 2.02 5.04 -14.00
N THR A 432 3.19 5.64 -13.84
CA THR A 432 3.76 6.42 -14.92
C THR A 432 4.44 5.59 -16.01
N ILE A 433 5.09 4.50 -15.64
CA ILE A 433 5.73 3.67 -16.64
C ILE A 433 4.67 2.89 -17.43
N PRO A 434 3.58 2.46 -16.77
CA PRO A 434 2.52 1.72 -17.46
C PRO A 434 1.73 2.81 -18.18
N SER A 435 2.02 4.04 -17.77
CA SER A 435 1.40 5.25 -18.30
C SER A 435 -0.10 5.16 -18.33
N ARG A 436 -0.72 5.14 -17.16
CA ARG A 436 -2.16 5.03 -17.08
C ARG A 436 -2.79 5.79 -15.91
N ASP A 437 -4.05 6.16 -16.11
CA ASP A 437 -4.84 6.84 -15.12
C ASP A 437 -4.24 8.03 -14.37
N ASN A 438 -4.01 9.13 -15.09
CA ASN A 438 -3.48 10.35 -14.48
C ASN A 438 -4.70 11.20 -14.09
N ASN A 439 -4.57 11.97 -13.01
CA ASN A 439 -5.66 12.81 -12.54
C ASN A 439 -6.90 12.02 -12.11
N LYS A 440 -6.69 10.84 -11.52
CA LYS A 440 -7.81 10.02 -11.04
C LYS A 440 -7.71 10.00 -9.51
N CYS A 441 -6.52 9.70 -9.01
CA CYS A 441 -6.28 9.66 -7.58
C CYS A 441 -6.47 11.09 -7.06
N TYR A 442 -7.29 11.21 -6.02
CA TYR A 442 -7.66 12.50 -5.47
C TYR A 442 -7.58 12.50 -3.96
N ALA A 443 -7.12 13.61 -3.38
CA ALA A 443 -6.99 13.73 -1.94
C ALA A 443 -7.62 15.02 -1.45
N LYS A 444 -8.19 15.00 -0.25
CA LYS A 444 -8.79 16.20 0.29
C LYS A 444 -9.03 16.13 1.78
N ILE A 445 -9.00 17.31 2.41
CA ILE A 445 -9.20 17.43 3.84
C ILE A 445 -10.13 18.60 4.09
N ILE A 446 -11.00 18.44 5.08
CA ILE A 446 -11.95 19.48 5.47
C ILE A 446 -11.38 20.15 6.72
N CYS A 447 -11.24 21.47 6.67
CA CYS A 447 -10.70 22.22 7.80
C CYS A 447 -11.67 23.23 8.42
N ASN A 448 -11.68 23.26 9.75
CA ASN A 448 -12.56 24.17 10.49
C ASN A 448 -11.84 25.46 10.87
N THR A 449 -12.17 26.50 10.11
CA THR A 449 -11.62 27.84 10.27
C THR A 449 -11.73 28.35 11.72
N LYS A 450 -12.89 28.14 12.34
CA LYS A 450 -13.10 28.60 13.71
C LYS A 450 -12.48 27.74 14.80
N ASP A 451 -11.59 26.82 14.42
CA ASP A 451 -10.95 25.95 15.41
C ASP A 451 -9.49 25.68 15.06
N ASN A 452 -8.73 26.73 14.78
CA ASN A 452 -7.31 26.58 14.44
C ASN A 452 -7.11 25.68 13.23
N GLU A 453 -8.00 25.82 12.25
CA GLU A 453 -7.95 24.99 11.05
C GLU A 453 -7.71 23.52 11.42
N ARG A 454 -8.57 23.03 12.30
CA ARG A 454 -8.56 21.65 12.77
C ARG A 454 -8.96 20.80 11.58
N VAL A 455 -8.37 19.61 11.44
CA VAL A 455 -8.73 18.75 10.33
C VAL A 455 -9.91 17.93 10.83
N VAL A 456 -11.10 18.20 10.33
CA VAL A 456 -12.29 17.48 10.80
C VAL A 456 -12.73 16.38 9.86
N GLY A 457 -12.10 16.32 8.69
CA GLY A 457 -12.42 15.32 7.70
C GLY A 457 -11.21 14.93 6.86
N PHE A 458 -11.10 13.64 6.55
CA PHE A 458 -9.98 13.13 5.76
C PHE A 458 -10.46 12.16 4.69
N HIS A 459 -10.10 12.43 3.43
CA HIS A 459 -10.51 11.61 2.30
C HIS A 459 -9.42 11.36 1.26
N VAL A 460 -9.25 10.09 0.87
CA VAL A 460 -8.27 9.78 -0.15
C VAL A 460 -8.78 8.69 -1.07
N LEU A 461 -8.61 8.92 -2.37
CA LEU A 461 -9.01 8.01 -3.41
C LEU A 461 -7.77 7.56 -4.17
N GLY A 462 -7.38 6.30 -4.00
CA GLY A 462 -6.20 5.77 -4.65
C GLY A 462 -5.68 4.47 -4.06
N PRO A 463 -4.54 4.01 -4.56
CA PRO A 463 -3.85 2.77 -4.16
C PRO A 463 -3.57 2.72 -2.68
N ASN A 464 -3.80 1.55 -2.06
CA ASN A 464 -3.53 1.35 -0.62
C ASN A 464 -4.19 2.41 0.30
N ALA A 465 -5.37 2.88 -0.08
CA ALA A 465 -6.10 3.91 0.67
C ALA A 465 -6.15 3.62 2.16
N GLY A 466 -6.38 2.36 2.51
CA GLY A 466 -6.44 1.99 3.91
C GLY A 466 -5.12 2.17 4.62
N GLU A 467 -4.02 1.64 4.04
CA GLU A 467 -2.70 1.79 4.66
C GLU A 467 -2.41 3.27 4.87
N VAL A 468 -2.92 4.10 3.98
CA VAL A 468 -2.71 5.54 4.08
C VAL A 468 -3.54 6.20 5.19
N THR A 469 -4.82 5.85 5.25
CA THR A 469 -5.77 6.41 6.22
C THR A 469 -5.53 6.06 7.71
N GLN A 470 -5.03 4.87 8.00
CA GLN A 470 -4.82 4.48 9.39
C GLN A 470 -4.09 5.52 10.26
N GLY A 471 -2.83 5.82 9.96
CA GLY A 471 -2.09 6.80 10.75
C GLY A 471 -2.75 8.16 10.86
N PHE A 472 -3.48 8.56 9.82
CA PHE A 472 -4.14 9.84 9.85
C PHE A 472 -5.35 9.85 10.79
N ALA A 473 -5.87 8.68 11.13
CA ALA A 473 -7.01 8.59 12.03
C ALA A 473 -6.48 8.82 13.46
N ALA A 474 -5.22 8.42 13.68
CA ALA A 474 -4.57 8.59 14.97
C ALA A 474 -4.26 10.07 15.11
N ALA A 475 -3.84 10.70 14.02
CA ALA A 475 -3.54 12.11 14.05
C ALA A 475 -4.81 12.85 14.46
N LEU A 476 -5.95 12.39 13.92
CA LEU A 476 -7.24 12.97 14.24
C LEU A 476 -7.65 12.78 15.70
N LYS A 477 -7.17 11.71 16.32
CA LYS A 477 -7.50 11.48 17.72
C LYS A 477 -6.64 12.38 18.59
N CYS A 478 -5.68 13.05 17.94
CA CYS A 478 -4.76 13.98 18.61
C CYS A 478 -5.08 15.41 18.19
N GLY A 479 -6.25 15.59 17.57
CA GLY A 479 -6.68 16.90 17.13
C GLY A 479 -5.75 17.61 16.16
N LEU A 480 -5.39 16.95 15.05
CA LEU A 480 -4.50 17.53 14.05
C LEU A 480 -5.05 18.80 13.42
N THR A 481 -4.16 19.76 13.16
CA THR A 481 -4.54 21.03 12.55
C THR A 481 -3.77 21.25 11.26
N LYS A 482 -4.24 22.17 10.43
CA LYS A 482 -3.54 22.44 9.18
C LYS A 482 -2.07 22.79 9.44
N LYS A 483 -1.80 23.74 10.32
CA LYS A 483 -0.41 24.12 10.61
C LYS A 483 0.48 22.93 10.93
N GLN A 484 -0.01 22.04 11.77
CA GLN A 484 0.73 20.85 12.18
C GLN A 484 0.98 19.93 10.97
N LEU A 485 -0.02 19.84 10.11
CA LEU A 485 0.07 19.01 8.94
C LEU A 485 1.14 19.55 8.01
N ASP A 486 1.01 20.84 7.68
CA ASP A 486 1.98 21.53 6.81
C ASP A 486 3.40 21.39 7.35
N SER A 487 3.51 21.26 8.67
CA SER A 487 4.80 21.13 9.33
C SER A 487 5.38 19.71 9.26
N THR A 488 4.58 18.77 8.77
CA THR A 488 5.08 17.40 8.70
C THR A 488 5.74 17.15 7.36
N ILE A 489 6.89 16.47 7.38
CA ILE A 489 7.61 16.20 6.15
C ILE A 489 7.13 14.90 5.53
N GLY A 490 6.68 14.96 4.27
CA GLY A 490 6.22 13.76 3.59
C GLY A 490 7.34 12.77 3.29
N ILE A 491 6.97 11.55 2.97
CA ILE A 491 7.96 10.52 2.63
C ILE A 491 7.96 10.45 1.10
N HIS A 492 9.14 10.53 0.49
CA HIS A 492 9.26 10.49 -0.97
C HIS A 492 10.04 9.27 -1.39
N PRO A 493 9.61 8.60 -2.46
CA PRO A 493 8.42 8.91 -3.27
C PRO A 493 7.24 8.02 -2.86
N VAL A 494 6.24 8.60 -2.23
CA VAL A 494 5.09 7.81 -1.79
C VAL A 494 3.79 8.59 -1.98
N CYS A 495 2.71 7.89 -2.29
CA CYS A 495 1.41 8.53 -2.50
C CYS A 495 0.96 9.45 -1.35
N ALA A 496 0.88 8.88 -0.15
CA ALA A 496 0.46 9.60 1.04
C ALA A 496 1.08 10.98 1.27
N GLU A 497 2.27 11.23 0.74
CA GLU A 497 2.94 12.52 0.95
C GLU A 497 2.19 13.72 0.38
N VAL A 498 1.21 13.45 -0.48
CA VAL A 498 0.41 14.50 -1.07
C VAL A 498 -0.28 15.33 0.03
N PHE A 499 -0.71 14.65 1.09
CA PHE A 499 -1.41 15.31 2.19
C PHE A 499 -0.54 16.28 2.98
N THR A 500 0.77 16.19 2.84
CA THR A 500 1.67 17.07 3.59
C THR A 500 1.95 18.41 2.93
N THR A 501 1.34 18.67 1.77
CA THR A 501 1.58 19.92 1.08
C THR A 501 0.36 20.53 0.38
N LEU A 502 -0.85 20.14 0.78
CA LEU A 502 -2.03 20.69 0.14
C LEU A 502 -2.12 22.19 0.37
N SER A 503 -2.15 22.96 -0.72
CA SER A 503 -2.21 24.41 -0.63
C SER A 503 -3.40 25.04 -1.36
N VAL A 504 -3.96 24.32 -2.34
CA VAL A 504 -5.10 24.84 -3.10
C VAL A 504 -6.44 24.48 -2.43
N THR A 505 -7.27 25.50 -2.19
CA THR A 505 -8.56 25.31 -1.55
C THR A 505 -9.63 25.29 -2.61
N LYS A 506 -10.78 24.68 -2.31
CA LYS A 506 -11.86 24.66 -3.29
C LYS A 506 -12.33 26.09 -3.51
N ARG A 507 -12.37 26.87 -2.43
CA ARG A 507 -12.83 28.27 -2.48
C ARG A 507 -12.11 29.13 -3.51
N SER A 508 -10.78 29.07 -3.53
CA SER A 508 -9.97 29.84 -4.46
C SER A 508 -10.29 29.55 -5.93
N GLY A 509 -10.66 28.31 -6.24
CA GLY A 509 -11.02 27.96 -7.61
C GLY A 509 -9.89 27.55 -8.56
N ALA A 510 -8.64 27.52 -8.08
CA ALA A 510 -7.51 27.16 -8.94
C ALA A 510 -7.59 25.73 -9.47
N SER A 511 -7.02 25.51 -10.65
CA SER A 511 -7.01 24.18 -11.26
C SER A 511 -6.04 23.25 -10.53
N ILE A 512 -6.45 22.00 -10.33
CA ILE A 512 -5.59 21.04 -9.66
C ILE A 512 -5.27 19.85 -10.57
N LEU A 513 -5.75 19.93 -11.80
CA LEU A 513 -5.52 18.91 -12.82
C LEU A 513 -4.07 19.03 -13.29
N GLN A 514 -3.32 17.94 -13.18
CA GLN A 514 -1.91 17.94 -13.59
C GLN A 514 -1.63 17.47 -15.02
N ALA A 515 -0.47 17.87 -15.52
CA ALA A 515 -0.05 17.53 -16.88
C ALA A 515 0.32 16.06 -17.02
N GLY A 516 0.26 15.58 -18.25
CA GLY A 516 0.60 14.20 -18.53
C GLY A 516 2.09 14.03 -18.75
N SER A 517 2.52 12.80 -19.04
CA SER A 517 3.92 12.50 -19.29
C SER A 517 4.57 13.43 -20.32
N CYS A 518 3.82 13.80 -21.35
CA CYS A 518 4.39 14.65 -22.39
C CYS A 518 4.26 16.16 -22.16
N GLY A 519 4.00 16.54 -20.92
CA GLY A 519 3.88 17.94 -20.61
C GLY A 519 2.46 18.38 -20.35
N LYS B 29 18.11 49.27 -9.43
CA LYS B 29 18.80 48.29 -8.53
C LYS B 29 20.05 47.74 -9.22
N SER B 30 21.22 48.15 -8.72
CA SER B 30 22.53 47.72 -9.25
C SER B 30 22.72 46.21 -9.09
N TYR B 31 21.64 45.46 -9.29
CA TYR B 31 21.63 44.00 -9.18
C TYR B 31 20.80 43.34 -10.30
N ASP B 32 21.43 42.39 -11.01
CA ASP B 32 20.76 41.67 -12.10
C ASP B 32 19.47 41.00 -11.62
N TYR B 33 19.56 40.22 -10.55
CA TYR B 33 18.38 39.55 -9.99
C TYR B 33 18.25 39.89 -8.51
N ASP B 34 17.25 39.28 -7.88
CA ASP B 34 17.02 39.49 -6.47
C ASP B 34 17.60 38.27 -5.75
N LEU B 35 17.83 37.19 -6.51
CA LEU B 35 18.38 35.95 -5.96
C LEU B 35 18.88 34.98 -7.03
N ILE B 36 20.00 34.31 -6.73
CA ILE B 36 20.58 33.31 -7.61
C ILE B 36 20.79 31.99 -6.83
N ILE B 37 20.32 30.90 -7.42
CA ILE B 37 20.39 29.58 -6.81
C ILE B 37 21.42 28.69 -7.52
N ILE B 38 22.40 28.19 -6.78
CA ILE B 38 23.42 27.33 -7.38
C ILE B 38 23.10 25.86 -7.10
N GLY B 39 22.47 25.21 -8.06
CA GLY B 39 22.08 23.82 -7.92
C GLY B 39 20.62 23.68 -8.32
N GLY B 40 20.36 22.88 -9.36
CA GLY B 40 18.99 22.73 -9.82
C GLY B 40 18.25 21.51 -9.32
N GLY B 41 18.59 21.05 -8.12
CA GLY B 41 17.95 19.88 -7.55
C GLY B 41 16.65 20.08 -6.79
N SER B 42 16.38 19.17 -5.86
CA SER B 42 15.17 19.21 -5.06
C SER B 42 14.97 20.55 -4.36
N GLY B 43 15.99 21.01 -3.66
CA GLY B 43 15.88 22.27 -2.93
C GLY B 43 15.86 23.50 -3.83
N GLY B 44 16.90 23.66 -4.64
CA GLY B 44 16.99 24.81 -5.53
C GLY B 44 15.77 25.10 -6.39
N LEU B 45 15.19 24.06 -6.99
CA LEU B 45 14.03 24.26 -7.82
C LEU B 45 12.77 24.67 -7.04
N ALA B 46 12.58 24.10 -5.84
CA ALA B 46 11.41 24.43 -5.05
C ALA B 46 11.53 25.86 -4.53
N ALA B 47 12.76 26.28 -4.25
CA ALA B 47 13.04 27.62 -3.76
C ALA B 47 12.83 28.68 -4.86
N ALA B 48 13.28 28.35 -6.06
CA ALA B 48 13.14 29.24 -7.21
C ALA B 48 11.67 29.49 -7.52
N LYS B 49 10.89 28.42 -7.60
CA LYS B 49 9.47 28.55 -7.91
C LYS B 49 8.75 29.37 -6.86
N GLU B 50 9.18 29.22 -5.60
CA GLU B 50 8.56 29.97 -4.51
C GLU B 50 8.88 31.46 -4.55
N ALA B 51 10.16 31.80 -4.63
CA ALA B 51 10.57 33.21 -4.69
C ALA B 51 9.85 33.90 -5.84
N ALA B 52 9.91 33.29 -7.01
CA ALA B 52 9.28 33.83 -8.20
C ALA B 52 7.76 33.95 -8.07
N GLN B 53 7.20 33.33 -7.04
CA GLN B 53 5.75 33.38 -6.83
C GLN B 53 5.39 34.77 -6.32
N TYR B 54 6.40 35.49 -5.86
CA TYR B 54 6.23 36.83 -5.33
C TYR B 54 6.91 37.85 -6.23
N GLY B 55 7.01 37.50 -7.52
CA GLY B 55 7.61 38.37 -8.51
C GLY B 55 9.11 38.34 -8.67
N LYS B 56 9.83 38.47 -7.57
CA LYS B 56 11.28 38.49 -7.57
C LYS B 56 11.97 37.87 -8.80
N LYS B 57 13.06 38.50 -9.24
CA LYS B 57 13.82 37.99 -10.39
C LYS B 57 14.80 36.95 -9.89
N VAL B 58 14.66 35.72 -10.39
CA VAL B 58 15.53 34.64 -9.97
C VAL B 58 16.16 33.93 -11.16
N MET B 59 17.27 33.25 -10.90
CA MET B 59 17.98 32.49 -11.91
C MET B 59 18.58 31.26 -11.23
N VAL B 60 18.42 30.10 -11.88
CA VAL B 60 18.95 28.87 -11.32
C VAL B 60 20.09 28.38 -12.20
N LEU B 61 21.19 28.00 -11.58
CA LEU B 61 22.32 27.50 -12.33
C LEU B 61 22.43 26.00 -12.08
N ASP B 62 22.25 25.20 -13.13
CA ASP B 62 22.37 23.76 -12.94
C ASP B 62 23.23 23.12 -14.02
N PHE B 63 24.25 22.40 -13.57
CA PHE B 63 25.17 21.71 -14.44
C PHE B 63 25.47 20.39 -13.73
N VAL B 64 25.52 19.29 -14.48
CA VAL B 64 25.80 17.99 -13.88
C VAL B 64 27.13 17.48 -14.40
N THR B 65 28.22 17.72 -13.67
CA THR B 65 29.52 17.25 -14.15
C THR B 65 29.45 15.74 -14.26
N PRO B 66 30.02 15.17 -15.34
CA PRO B 66 30.02 13.72 -15.59
C PRO B 66 30.65 12.85 -14.52
N THR B 67 30.34 11.57 -14.59
CA THR B 67 30.88 10.61 -13.67
C THR B 67 32.13 10.14 -14.37
N PRO B 68 33.03 9.45 -13.67
CA PRO B 68 34.28 8.97 -14.27
C PRO B 68 34.13 8.30 -15.64
N LEU B 69 32.98 7.65 -15.85
CA LEU B 69 32.72 6.95 -17.11
C LEU B 69 31.97 7.79 -18.11
N GLY B 70 31.86 9.08 -17.83
CA GLY B 70 31.18 9.96 -18.76
C GLY B 70 29.68 10.15 -18.66
N THR B 71 29.01 9.38 -17.80
CA THR B 71 27.57 9.49 -17.64
C THR B 71 27.13 10.83 -17.02
N ARG B 72 25.99 11.33 -17.48
CA ARG B 72 25.43 12.58 -16.98
C ARG B 72 23.94 12.63 -17.28
N TRP B 73 23.27 13.70 -16.85
CA TRP B 73 21.82 13.81 -17.04
C TRP B 73 21.28 15.22 -17.04
N GLY B 74 19.97 15.34 -17.25
CA GLY B 74 19.31 16.63 -17.32
C GLY B 74 19.02 17.32 -15.99
N LEU B 75 18.08 18.27 -16.04
CA LEU B 75 17.69 19.06 -14.87
C LEU B 75 16.80 18.27 -13.89
N GLY B 76 16.70 18.76 -12.65
CA GLY B 76 15.88 18.10 -11.65
C GLY B 76 16.61 17.63 -10.40
N GLY B 77 17.93 17.48 -10.48
CA GLY B 77 18.69 17.04 -9.32
C GLY B 77 18.84 15.54 -9.16
N THR B 78 19.55 15.15 -8.10
CA THR B 78 19.83 13.75 -7.75
C THR B 78 18.63 12.81 -7.76
N CYS B 79 17.67 13.08 -6.87
CA CYS B 79 16.47 12.27 -6.71
C CYS B 79 15.70 11.99 -8.03
N VAL B 80 15.54 13.01 -8.85
CA VAL B 80 14.83 12.87 -10.12
C VAL B 80 15.59 12.04 -11.17
N ASN B 81 16.90 12.27 -11.24
CA ASN B 81 17.74 11.61 -12.23
C ASN B 81 18.43 10.31 -11.82
N VAL B 82 19.12 10.32 -10.68
CA VAL B 82 19.84 9.14 -10.26
C VAL B 82 19.53 8.73 -8.82
N GLY B 83 18.31 9.05 -8.36
CA GLY B 83 17.93 8.72 -7.01
C GLY B 83 16.57 8.08 -6.79
N CYS B 84 15.73 8.75 -5.99
CA CYS B 84 14.38 8.26 -5.67
C CYS B 84 13.55 7.64 -6.80
N ILE B 85 13.24 8.44 -7.81
CA ILE B 85 12.40 8.02 -8.93
C ILE B 85 12.87 6.70 -9.62
N PRO B 86 14.07 6.71 -10.22
CA PRO B 86 14.55 5.49 -10.88
C PRO B 86 14.61 4.27 -9.93
N LYS B 87 15.05 4.52 -8.70
CA LYS B 87 15.17 3.47 -7.70
C LYS B 87 13.82 2.89 -7.28
N LYS B 88 12.82 3.74 -7.01
CA LYS B 88 11.50 3.21 -6.64
C LYS B 88 10.90 2.46 -7.84
N LEU B 89 11.12 2.97 -9.05
CA LEU B 89 10.59 2.30 -10.24
C LEU B 89 11.19 0.91 -10.38
N MET B 90 12.50 0.81 -10.24
CA MET B 90 13.11 -0.50 -10.36
C MET B 90 12.65 -1.41 -9.22
N HIS B 91 12.36 -0.80 -8.08
CA HIS B 91 11.87 -1.56 -6.93
C HIS B 91 10.51 -2.15 -7.33
N GLN B 92 9.71 -1.33 -8.01
CA GLN B 92 8.41 -1.76 -8.50
C GLN B 92 8.56 -2.92 -9.52
N ALA B 93 9.65 -2.92 -10.28
CA ALA B 93 9.89 -3.97 -11.27
C ALA B 93 10.07 -5.29 -10.57
N ALA B 94 10.77 -5.26 -9.44
CA ALA B 94 11.00 -6.49 -8.68
C ALA B 94 9.68 -6.90 -8.01
N LEU B 95 8.94 -5.93 -7.46
CA LEU B 95 7.67 -6.24 -6.81
C LEU B 95 6.71 -6.91 -7.80
N LEU B 96 6.73 -6.46 -9.04
CA LEU B 96 5.87 -7.06 -10.05
C LEU B 96 6.31 -8.52 -10.32
N GLY B 97 7.58 -8.81 -10.11
CA GLY B 97 8.04 -10.15 -10.31
C GLY B 97 7.33 -11.07 -9.32
N GLN B 98 7.28 -10.60 -8.08
CA GLN B 98 6.64 -11.34 -7.01
C GLN B 98 5.14 -11.41 -7.27
N ALA B 99 4.58 -10.33 -7.81
CA ALA B 99 3.15 -10.33 -8.10
C ALA B 99 2.83 -11.36 -9.20
N LEU B 100 3.70 -11.47 -10.21
CA LEU B 100 3.47 -12.45 -11.28
C LEU B 100 3.35 -13.85 -10.68
N GLN B 101 4.18 -14.17 -9.69
CA GLN B 101 4.11 -15.48 -9.05
C GLN B 101 2.81 -15.60 -8.26
N ASP B 102 2.53 -14.60 -7.42
CA ASP B 102 1.33 -14.57 -6.60
C ASP B 102 -0.01 -14.61 -7.35
N SER B 103 -0.06 -14.25 -8.61
CA SER B 103 -1.36 -14.29 -9.30
C SER B 103 -1.88 -15.71 -9.53
N ARG B 104 -0.95 -16.63 -9.77
CA ARG B 104 -1.30 -18.02 -10.02
C ARG B 104 -2.20 -18.61 -8.91
N ASN B 105 -1.80 -18.42 -7.68
CA ASN B 105 -2.56 -18.94 -6.55
C ASN B 105 -3.95 -18.33 -6.50
N TYR B 106 -4.10 -17.12 -7.06
CA TYR B 106 -5.39 -16.42 -7.07
C TYR B 106 -6.21 -16.81 -8.28
N GLY B 107 -5.70 -17.73 -9.09
CA GLY B 107 -6.45 -18.20 -10.24
C GLY B 107 -6.09 -17.69 -11.62
N TRP B 108 -4.99 -16.96 -11.74
CA TRP B 108 -4.57 -16.46 -13.04
C TRP B 108 -3.61 -17.46 -13.65
N LYS B 109 -3.90 -17.90 -14.88
CA LYS B 109 -3.07 -18.85 -15.58
C LYS B 109 -1.78 -18.19 -16.11
N VAL B 110 -0.95 -17.74 -15.19
CA VAL B 110 0.30 -17.12 -15.58
C VAL B 110 1.20 -18.21 -16.08
N GLU B 111 1.93 -17.92 -17.14
CA GLU B 111 2.86 -18.89 -17.67
C GLU B 111 3.82 -19.24 -16.54
N GLU B 112 4.44 -20.42 -16.65
CA GLU B 112 5.38 -20.94 -15.66
C GLU B 112 6.22 -19.83 -15.01
N THR B 113 7.44 -19.64 -15.50
CA THR B 113 8.34 -18.60 -15.01
C THR B 113 8.51 -17.63 -16.15
N VAL B 114 8.38 -16.34 -15.84
CA VAL B 114 8.51 -15.32 -16.85
C VAL B 114 9.89 -14.69 -16.82
N LYS B 115 10.38 -14.34 -18.01
CA LYS B 115 11.68 -13.72 -18.14
C LYS B 115 11.54 -12.21 -18.05
N HIS B 116 12.61 -11.54 -17.64
CA HIS B 116 12.62 -10.09 -17.53
C HIS B 116 13.73 -9.50 -18.41
N ASP B 117 13.41 -8.42 -19.12
CA ASP B 117 14.38 -7.78 -20.00
C ASP B 117 14.95 -6.46 -19.47
N TRP B 118 16.23 -6.49 -19.14
CA TRP B 118 16.92 -5.33 -18.61
C TRP B 118 16.74 -4.04 -19.41
N ASP B 119 17.04 -4.11 -20.71
CA ASP B 119 16.95 -2.94 -21.55
C ASP B 119 15.54 -2.35 -21.64
N ARG B 120 14.54 -3.19 -21.81
CA ARG B 120 13.15 -2.70 -21.89
C ARG B 120 12.90 -1.80 -20.67
N MET B 121 13.32 -2.31 -19.51
CA MET B 121 13.12 -1.60 -18.25
C MET B 121 13.88 -0.30 -18.17
N ILE B 122 15.17 -0.33 -18.48
CA ILE B 122 15.93 0.91 -18.43
C ILE B 122 15.32 1.94 -19.36
N GLU B 123 14.90 1.54 -20.56
CA GLU B 123 14.32 2.51 -21.48
C GLU B 123 13.07 3.19 -20.93
N ALA B 124 12.21 2.41 -20.30
CA ALA B 124 10.97 2.90 -19.72
C ALA B 124 11.24 3.92 -18.60
N VAL B 125 12.26 3.64 -17.79
CA VAL B 125 12.63 4.51 -16.68
C VAL B 125 13.22 5.80 -17.18
N GLN B 126 14.10 5.69 -18.15
CA GLN B 126 14.74 6.87 -18.71
C GLN B 126 13.70 7.74 -19.39
N ASN B 127 12.68 7.10 -19.96
CA ASN B 127 11.61 7.82 -20.63
C ASN B 127 10.87 8.67 -19.60
N HIS B 128 10.65 8.13 -18.41
CA HIS B 128 9.96 8.90 -17.41
C HIS B 128 10.84 10.01 -16.87
N ILE B 129 12.13 9.72 -16.71
CA ILE B 129 13.04 10.75 -16.22
C ILE B 129 13.09 11.89 -17.25
N GLY B 130 13.33 11.53 -18.52
CA GLY B 130 13.37 12.54 -19.55
C GLY B 130 12.17 13.47 -19.45
N SER B 131 11.03 12.88 -19.14
CA SER B 131 9.78 13.60 -18.98
C SER B 131 9.81 14.58 -17.81
N LEU B 132 10.39 14.16 -16.69
CA LEU B 132 10.48 15.03 -15.52
C LEU B 132 11.45 16.17 -15.84
N ASN B 133 12.56 15.84 -16.52
CA ASN B 133 13.54 16.85 -16.90
C ASN B 133 12.86 18.01 -17.64
N TRP B 134 11.98 17.65 -18.56
CA TRP B 134 11.22 18.61 -19.38
C TRP B 134 10.17 19.38 -18.58
N GLY B 135 9.53 18.71 -17.63
CA GLY B 135 8.52 19.39 -16.82
C GLY B 135 9.16 20.50 -16.00
N TYR B 136 10.40 20.27 -15.61
CA TYR B 136 11.15 21.22 -14.81
C TYR B 136 11.62 22.41 -15.63
N ARG B 137 11.98 22.18 -16.89
CA ARG B 137 12.42 23.30 -17.71
C ARG B 137 11.21 24.17 -18.04
N VAL B 138 10.08 23.53 -18.34
CA VAL B 138 8.86 24.25 -18.67
C VAL B 138 8.30 24.96 -17.45
N ALA B 139 8.35 24.30 -16.31
CA ALA B 139 7.85 24.88 -15.09
C ALA B 139 8.62 26.15 -14.79
N LEU B 140 9.95 26.09 -14.93
CA LEU B 140 10.78 27.26 -14.67
C LEU B 140 10.49 28.41 -15.62
N ARG B 141 10.22 28.11 -16.88
CA ARG B 141 9.93 29.17 -17.85
C ARG B 141 8.68 29.91 -17.40
N GLU B 142 7.67 29.14 -17.02
CA GLU B 142 6.38 29.65 -16.57
C GLU B 142 6.48 30.71 -15.46
N LYS B 143 7.18 30.39 -14.38
CA LYS B 143 7.31 31.33 -13.28
C LYS B 143 8.27 32.48 -13.60
N LYS B 144 8.86 32.44 -14.80
CA LYS B 144 9.80 33.49 -15.22
C LYS B 144 11.10 33.42 -14.41
N VAL B 145 11.67 32.22 -14.32
CA VAL B 145 12.92 32.04 -13.59
C VAL B 145 14.01 31.53 -14.51
N VAL B 146 14.89 32.45 -14.90
CA VAL B 146 16.00 32.17 -15.78
C VAL B 146 16.76 30.88 -15.46
N TYR B 147 16.88 30.01 -16.45
CA TYR B 147 17.59 28.74 -16.29
C TYR B 147 18.86 28.79 -17.13
N GLU B 148 19.97 28.36 -16.53
CA GLU B 148 21.26 28.34 -17.20
C GLU B 148 22.00 27.05 -16.88
N ASN B 149 22.15 26.17 -17.85
CA ASN B 149 22.87 24.92 -17.65
C ASN B 149 24.36 25.26 -17.52
N ALA B 150 24.69 26.06 -16.51
CA ALA B 150 26.09 26.45 -16.32
C ALA B 150 26.60 26.20 -14.90
N TYR B 151 27.85 25.74 -14.81
CA TYR B 151 28.51 25.45 -13.54
C TYR B 151 28.88 26.77 -12.84
N GLY B 152 28.00 27.24 -11.96
CA GLY B 152 28.25 28.47 -11.24
C GLY B 152 29.46 28.35 -10.32
N GLN B 153 29.98 29.48 -9.85
CA GLN B 153 31.13 29.49 -8.97
C GLN B 153 31.55 30.89 -8.55
N PHE B 154 31.28 31.22 -7.29
CA PHE B 154 31.61 32.54 -6.72
C PHE B 154 33.00 33.08 -7.10
N ILE B 155 33.12 34.40 -7.11
CA ILE B 155 34.39 35.07 -7.42
C ILE B 155 34.56 36.27 -6.48
N GLY B 156 33.45 36.75 -5.93
CA GLY B 156 33.50 37.87 -5.01
C GLY B 156 32.12 38.21 -4.48
N PRO B 157 32.00 39.18 -3.58
CA PRO B 157 30.72 39.59 -3.00
C PRO B 157 29.64 39.87 -4.04
N HIS B 158 28.54 39.14 -3.95
CA HIS B 158 27.41 39.28 -4.86
C HIS B 158 27.74 38.93 -6.31
N ARG B 159 28.92 38.33 -6.51
CA ARG B 159 29.35 37.96 -7.86
C ARG B 159 29.71 36.49 -8.03
N ILE B 160 29.22 35.92 -9.13
CA ILE B 160 29.46 34.52 -9.43
C ILE B 160 29.88 34.29 -10.89
N LYS B 161 30.67 33.24 -11.11
CA LYS B 161 31.16 32.88 -12.44
C LYS B 161 30.61 31.55 -12.97
N ALA B 162 29.73 31.67 -13.98
CA ALA B 162 29.10 30.52 -14.62
C ALA B 162 29.93 30.04 -15.83
N THR B 163 30.02 28.73 -16.00
CA THR B 163 30.80 28.19 -17.12
C THR B 163 30.02 27.09 -17.82
N ASN B 164 29.47 27.40 -18.99
CA ASN B 164 28.69 26.42 -19.74
C ASN B 164 29.61 25.32 -20.27
N ASN B 165 29.01 24.29 -20.85
CA ASN B 165 29.75 23.16 -21.40
C ASN B 165 30.80 23.56 -22.44
N LYS B 166 30.47 24.52 -23.29
CA LYS B 166 31.40 24.98 -24.32
C LYS B 166 32.62 25.68 -23.72
N GLY B 167 32.39 26.43 -22.64
CA GLY B 167 33.49 27.13 -21.98
C GLY B 167 33.27 28.62 -21.85
N LYS B 168 32.14 29.11 -22.35
CA LYS B 168 31.80 30.53 -22.31
C LYS B 168 31.38 31.01 -20.91
N GLU B 169 32.27 31.71 -20.23
CA GLU B 169 31.99 32.20 -18.89
C GLU B 169 31.16 33.49 -18.91
N LYS B 170 30.68 33.86 -17.73
CA LYS B 170 29.87 35.08 -17.57
C LYS B 170 29.61 35.31 -16.09
N ILE B 171 29.75 36.56 -15.66
CA ILE B 171 29.54 36.92 -14.27
C ILE B 171 28.17 37.52 -14.07
N TYR B 172 27.58 37.24 -12.92
CA TYR B 172 26.26 37.76 -12.58
C TYR B 172 26.28 38.34 -11.16
N SER B 173 25.17 38.96 -10.79
CA SER B 173 25.06 39.54 -9.46
C SER B 173 23.62 39.39 -9.02
N ALA B 174 23.42 39.26 -7.72
CA ALA B 174 22.08 39.14 -7.16
C ALA B 174 22.14 39.63 -5.73
N GLU B 175 21.01 40.15 -5.26
CA GLU B 175 20.96 40.65 -3.90
C GLU B 175 21.30 39.52 -2.94
N ARG B 176 20.74 38.33 -3.19
CA ARG B 176 21.01 37.16 -2.35
C ARG B 176 21.39 35.94 -3.20
N PHE B 177 22.02 34.95 -2.56
CA PHE B 177 22.45 33.72 -3.21
C PHE B 177 22.12 32.47 -2.37
N LEU B 178 21.68 31.39 -3.02
CA LEU B 178 21.35 30.14 -2.32
C LEU B 178 22.18 28.95 -2.81
N ILE B 179 22.90 28.30 -1.91
CA ILE B 179 23.70 27.14 -2.27
C ILE B 179 22.80 25.92 -2.09
N ALA B 180 22.73 25.06 -3.11
CA ALA B 180 21.92 23.84 -3.09
C ALA B 180 22.52 22.82 -4.05
N THR B 181 23.82 22.66 -3.97
CA THR B 181 24.54 21.75 -4.86
C THR B 181 24.45 20.27 -4.58
N GLY B 182 23.86 19.90 -3.44
CA GLY B 182 23.75 18.49 -3.13
C GLY B 182 25.07 17.75 -3.10
N GLU B 183 25.03 16.43 -3.26
CA GLU B 183 26.23 15.61 -3.23
C GLU B 183 26.42 14.72 -4.46
N ARG B 184 27.39 13.82 -4.38
CA ARG B 184 27.72 12.88 -5.46
C ARG B 184 28.26 11.57 -4.86
N PRO B 185 28.30 10.48 -5.65
CA PRO B 185 28.81 9.22 -5.10
C PRO B 185 30.29 9.31 -4.76
N ARG B 186 30.66 8.69 -3.64
CA ARG B 186 32.04 8.70 -3.18
C ARG B 186 32.74 7.42 -3.60
N TYR B 187 34.02 7.51 -3.92
CA TYR B 187 34.79 6.32 -4.32
C TYR B 187 35.73 5.80 -3.24
N LEU B 188 36.19 4.56 -3.42
CA LEU B 188 37.08 3.91 -2.47
C LEU B 188 38.49 4.48 -2.37
N GLY B 189 38.99 5.04 -3.46
CA GLY B 189 40.33 5.58 -3.43
C GLY B 189 41.32 4.42 -3.58
N ILE B 190 40.85 3.32 -4.15
CA ILE B 190 41.69 2.14 -4.36
C ILE B 190 41.92 1.91 -5.85
N PRO B 191 42.93 1.11 -6.19
CA PRO B 191 43.28 0.80 -7.59
C PRO B 191 42.24 -0.02 -8.36
N GLY B 192 41.74 0.56 -9.44
CA GLY B 192 40.75 -0.11 -10.27
C GLY B 192 39.29 0.30 -10.10
N ASP B 193 38.98 1.09 -9.08
CA ASP B 193 37.60 1.48 -8.86
C ASP B 193 37.02 2.50 -9.84
N LYS B 194 37.59 3.70 -9.89
CA LYS B 194 37.08 4.73 -10.78
C LYS B 194 37.10 4.33 -12.25
N GLU B 195 37.70 3.18 -12.56
CA GLU B 195 37.76 2.72 -13.93
C GLU B 195 36.85 1.54 -14.28
N TYR B 196 36.63 0.64 -13.32
CA TYR B 196 35.78 -0.51 -13.58
C TYR B 196 34.53 -0.53 -12.67
N CYS B 197 34.45 0.45 -11.76
CA CYS B 197 33.33 0.50 -10.84
C CYS B 197 32.31 1.58 -11.13
N ILE B 198 31.04 1.17 -11.06
CA ILE B 198 29.91 2.06 -11.29
C ILE B 198 29.33 2.48 -9.95
N SER B 199 28.73 3.66 -9.91
CA SER B 199 28.09 4.14 -8.70
C SER B 199 26.60 4.13 -9.03
N SER B 200 25.76 4.48 -8.07
CA SER B 200 24.32 4.50 -8.32
C SER B 200 24.08 5.40 -9.53
N ASP B 201 24.87 6.46 -9.64
CA ASP B 201 24.80 7.41 -10.74
C ASP B 201 24.86 6.79 -12.13
N ASP B 202 25.47 5.61 -12.26
CA ASP B 202 25.56 4.96 -13.56
C ASP B 202 24.54 3.87 -13.73
N LEU B 203 24.21 3.19 -12.64
CA LEU B 203 23.28 2.07 -12.66
C LEU B 203 21.97 2.34 -13.36
N PHE B 204 21.27 3.38 -12.91
CA PHE B 204 19.96 3.73 -13.44
C PHE B 204 19.80 3.95 -14.96
N SER B 205 20.92 3.96 -15.67
CA SER B 205 20.88 4.11 -17.12
C SER B 205 21.93 3.24 -17.80
N LEU B 206 22.32 2.16 -17.13
CA LEU B 206 23.33 1.26 -17.66
C LEU B 206 22.82 0.66 -18.97
N PRO B 207 23.65 0.73 -20.02
CA PRO B 207 23.39 0.24 -21.38
C PRO B 207 23.26 -1.28 -21.53
N TYR B 208 23.61 -2.01 -20.48
CA TYR B 208 23.51 -3.46 -20.57
C TYR B 208 23.15 -4.06 -19.22
N CYS B 209 22.61 -5.28 -19.27
CA CYS B 209 22.24 -6.02 -18.07
C CYS B 209 23.51 -6.31 -17.30
N PRO B 210 23.56 -5.89 -16.01
CA PRO B 210 24.68 -6.05 -15.09
C PRO B 210 25.25 -7.45 -14.82
N GLY B 211 24.39 -8.46 -14.76
CA GLY B 211 24.85 -9.82 -14.49
C GLY B 211 25.36 -10.01 -13.06
N LYS B 212 26.32 -10.91 -12.89
CA LYS B 212 26.93 -11.19 -11.58
C LYS B 212 27.35 -9.85 -10.98
N THR B 213 26.73 -9.50 -9.88
CA THR B 213 27.01 -8.21 -9.27
C THR B 213 27.44 -8.25 -7.81
N LEU B 214 28.45 -7.45 -7.52
CA LEU B 214 28.93 -7.33 -6.16
C LEU B 214 28.64 -5.90 -5.73
N VAL B 215 27.78 -5.74 -4.73
CA VAL B 215 27.47 -4.40 -4.26
C VAL B 215 28.39 -4.12 -3.08
N VAL B 216 29.08 -2.99 -3.10
CA VAL B 216 29.96 -2.61 -2.01
C VAL B 216 29.31 -1.50 -1.18
N GLY B 217 29.06 -1.81 0.08
CA GLY B 217 28.45 -0.86 0.97
C GLY B 217 27.27 -1.49 1.69
N ALA B 218 26.67 -0.74 2.61
CA ALA B 218 25.53 -1.23 3.37
C ALA B 218 24.61 -0.07 3.69
N SER B 219 24.72 1.00 2.91
CA SER B 219 23.85 2.17 3.09
C SER B 219 22.50 1.75 2.52
N TYR B 220 21.45 2.55 2.70
CA TYR B 220 20.16 2.15 2.15
C TYR B 220 20.26 2.11 0.62
N VAL B 221 21.15 2.93 0.06
CA VAL B 221 21.35 2.93 -1.38
C VAL B 221 21.83 1.52 -1.78
N ALA B 222 22.82 1.00 -1.03
CA ALA B 222 23.39 -0.32 -1.32
C ALA B 222 22.39 -1.46 -1.25
N LEU B 223 21.64 -1.51 -0.16
CA LEU B 223 20.65 -2.59 0.00
C LEU B 223 19.42 -2.42 -0.90
N GLU B 224 18.97 -1.19 -1.12
CA GLU B 224 17.84 -1.01 -2.02
C GLU B 224 18.22 -1.52 -3.41
N CYS B 225 19.40 -1.12 -3.89
CA CYS B 225 19.86 -1.56 -5.21
C CYS B 225 20.13 -3.08 -5.27
N ALA B 226 20.86 -3.59 -4.27
CA ALA B 226 21.16 -5.01 -4.20
C ALA B 226 19.84 -5.73 -4.23
N GLY B 227 18.86 -5.15 -3.53
CA GLY B 227 17.54 -5.72 -3.44
C GLY B 227 16.77 -5.87 -4.74
N PHE B 228 16.58 -4.78 -5.48
CA PHE B 228 15.81 -4.95 -6.72
C PHE B 228 16.58 -5.72 -7.80
N LEU B 229 17.91 -5.61 -7.83
CA LEU B 229 18.66 -6.36 -8.83
C LEU B 229 18.35 -7.84 -8.62
N ALA B 230 18.38 -8.26 -7.36
CA ALA B 230 18.09 -9.65 -7.04
C ALA B 230 16.64 -9.97 -7.43
N GLY B 231 15.78 -8.96 -7.31
CA GLY B 231 14.38 -9.13 -7.64
C GLY B 231 14.08 -9.43 -9.10
N ILE B 232 14.88 -8.88 -10.01
CA ILE B 232 14.63 -9.17 -11.41
C ILE B 232 15.37 -10.42 -11.88
N GLY B 233 16.06 -11.09 -10.96
CA GLY B 233 16.74 -12.33 -11.29
C GLY B 233 18.25 -12.34 -11.45
N LEU B 234 18.97 -11.40 -10.86
CA LEU B 234 20.43 -11.39 -10.98
C LEU B 234 21.11 -11.92 -9.73
N ASP B 235 22.31 -12.48 -9.90
CA ASP B 235 23.11 -13.00 -8.78
C ASP B 235 23.75 -11.83 -8.08
N VAL B 236 23.19 -11.44 -6.95
CA VAL B 236 23.72 -10.28 -6.23
C VAL B 236 24.45 -10.63 -4.94
N THR B 237 25.55 -9.93 -4.69
CA THR B 237 26.35 -10.13 -3.50
C THR B 237 26.57 -8.77 -2.87
N VAL B 238 26.71 -8.71 -1.55
CA VAL B 238 26.94 -7.44 -0.86
C VAL B 238 28.10 -7.56 0.14
N MET B 239 29.13 -6.75 -0.04
CA MET B 239 30.30 -6.77 0.84
C MET B 239 30.15 -5.67 1.87
N VAL B 240 30.02 -6.06 3.14
CA VAL B 240 29.83 -5.10 4.23
C VAL B 240 31.07 -4.91 5.11
N ARG B 241 31.45 -3.66 5.35
CA ARG B 241 32.60 -3.38 6.21
C ARG B 241 32.27 -3.95 7.59
N SER B 242 31.36 -3.29 8.30
CA SER B 242 30.95 -3.73 9.63
C SER B 242 29.45 -4.05 9.69
N ILE B 243 28.64 -3.05 10.09
CA ILE B 243 27.19 -3.24 10.22
C ILE B 243 26.35 -2.70 9.08
N LEU B 244 25.05 -3.00 9.14
CA LEU B 244 24.10 -2.56 8.14
C LEU B 244 23.32 -1.33 8.57
N LEU B 245 22.99 -0.50 7.61
CA LEU B 245 22.22 0.73 7.83
C LEU B 245 22.55 1.52 9.09
N ARG B 246 23.83 1.77 9.31
CA ARG B 246 24.24 2.56 10.47
C ARG B 246 23.32 3.78 10.46
N GLY B 247 22.88 4.20 11.65
CA GLY B 247 22.00 5.35 11.78
C GLY B 247 20.54 4.98 11.89
N PHE B 248 20.23 3.71 11.72
CA PHE B 248 18.84 3.24 11.80
C PHE B 248 18.75 2.23 12.93
N ASP B 249 17.54 2.06 13.46
CA ASP B 249 17.30 1.09 14.51
C ASP B 249 17.95 -0.21 14.04
N GLN B 250 18.92 -0.72 14.80
CA GLN B 250 19.64 -1.92 14.42
C GLN B 250 18.83 -3.21 14.46
N ASP B 251 17.86 -3.29 15.37
CA ASP B 251 17.00 -4.45 15.48
C ASP B 251 16.29 -4.58 14.12
N MET B 252 15.82 -3.47 13.60
CA MET B 252 15.16 -3.48 12.31
C MET B 252 16.18 -3.77 11.21
N ALA B 253 17.30 -3.05 11.24
CA ALA B 253 18.35 -3.22 10.24
C ALA B 253 18.65 -4.68 9.98
N ASN B 254 18.81 -5.46 11.03
CA ASN B 254 19.13 -6.88 10.84
C ASN B 254 17.95 -7.71 10.41
N LYS B 255 16.74 -7.34 10.82
CA LYS B 255 15.59 -8.08 10.36
C LYS B 255 15.59 -7.98 8.82
N ILE B 256 15.97 -6.80 8.32
CA ILE B 256 16.03 -6.55 6.89
C ILE B 256 17.10 -7.42 6.24
N GLY B 257 18.33 -7.35 6.77
CA GLY B 257 19.41 -8.15 6.24
C GLY B 257 19.05 -9.63 6.21
N GLU B 258 18.52 -10.12 7.32
CA GLU B 258 18.12 -11.51 7.43
C GLU B 258 17.13 -11.88 6.32
N HIS B 259 16.22 -10.96 6.01
CA HIS B 259 15.22 -11.18 4.97
C HIS B 259 15.85 -11.27 3.59
N MET B 260 16.74 -10.33 3.29
CA MET B 260 17.41 -10.31 2.01
C MET B 260 18.17 -11.62 1.80
N GLU B 261 18.83 -12.07 2.86
CA GLU B 261 19.60 -13.31 2.81
C GLU B 261 18.70 -14.50 2.49
N GLU B 262 17.52 -14.52 3.10
CA GLU B 262 16.55 -15.59 2.87
C GLU B 262 15.98 -15.52 1.45
N HIS B 263 16.16 -14.38 0.81
CA HIS B 263 15.67 -14.20 -0.55
C HIS B 263 16.80 -14.05 -1.57
N GLY B 264 17.83 -14.87 -1.44
CA GLY B 264 18.93 -14.84 -2.39
C GLY B 264 20.17 -14.03 -2.06
N ILE B 265 20.02 -12.71 -1.96
CA ILE B 265 21.14 -11.83 -1.67
C ILE B 265 22.16 -12.46 -0.74
N LYS B 266 23.33 -12.78 -1.30
CA LYS B 266 24.41 -13.36 -0.52
C LYS B 266 25.22 -12.24 0.07
N PHE B 267 25.64 -12.37 1.32
CA PHE B 267 26.43 -11.32 1.97
C PHE B 267 27.89 -11.71 2.20
N ILE B 268 28.69 -10.74 2.60
CA ILE B 268 30.12 -10.88 2.90
C ILE B 268 30.45 -9.77 3.87
N ARG B 269 30.51 -10.11 5.16
CA ARG B 269 30.76 -9.15 6.22
C ARG B 269 32.20 -9.09 6.71
N GLN B 270 32.56 -7.95 7.27
CA GLN B 270 33.88 -7.71 7.84
C GLN B 270 34.96 -7.49 6.77
N PHE B 271 34.52 -7.29 5.52
CA PHE B 271 35.44 -7.05 4.41
C PHE B 271 35.27 -5.72 3.67
N VAL B 272 36.33 -5.30 3.00
CA VAL B 272 36.39 -4.07 2.22
C VAL B 272 37.40 -4.28 1.08
N PRO B 273 36.98 -4.10 -0.18
CA PRO B 273 37.89 -4.30 -1.32
C PRO B 273 39.12 -3.38 -1.30
N ILE B 274 40.27 -3.92 -1.68
CA ILE B 274 41.53 -3.16 -1.69
C ILE B 274 42.00 -2.78 -3.10
N LYS B 275 41.53 -3.52 -4.10
CA LYS B 275 41.88 -3.22 -5.49
C LYS B 275 41.02 -4.04 -6.44
N VAL B 276 40.71 -3.46 -7.59
CA VAL B 276 39.90 -4.13 -8.58
C VAL B 276 40.70 -4.39 -9.84
N GLU B 277 40.58 -5.62 -10.34
CA GLU B 277 41.28 -6.04 -11.55
C GLU B 277 40.29 -6.47 -12.63
N GLN B 278 40.50 -5.98 -13.84
CA GLN B 278 39.63 -6.33 -14.95
C GLN B 278 40.09 -7.64 -15.59
N ILE B 279 39.29 -8.70 -15.44
CA ILE B 279 39.61 -9.98 -16.04
C ILE B 279 39.36 -9.83 -17.53
N GLU B 280 38.55 -8.85 -17.88
CA GLU B 280 38.18 -8.60 -19.27
C GLU B 280 37.25 -7.40 -19.40
N ALA B 281 37.22 -6.79 -20.58
CA ALA B 281 36.33 -5.68 -20.83
C ALA B 281 35.08 -6.30 -21.41
N GLY B 282 33.94 -5.63 -21.27
CA GLY B 282 32.74 -6.21 -21.81
C GLY B 282 31.47 -5.39 -21.67
N THR B 283 30.37 -5.97 -22.14
CA THR B 283 29.06 -5.34 -22.09
C THR B 283 28.02 -6.33 -21.58
N PRO B 284 28.20 -6.86 -20.36
CA PRO B 284 29.31 -6.62 -19.42
C PRO B 284 30.55 -7.48 -19.70
N GLY B 285 31.50 -7.43 -18.77
CA GLY B 285 32.70 -8.22 -18.91
C GLY B 285 32.86 -9.19 -17.76
N ARG B 286 34.09 -9.31 -17.26
CA ARG B 286 34.39 -10.19 -16.14
C ARG B 286 35.42 -9.46 -15.29
N LEU B 287 35.05 -9.07 -14.08
CA LEU B 287 35.98 -8.37 -13.19
C LEU B 287 36.41 -9.28 -12.06
N ARG B 288 37.38 -8.82 -11.27
CA ARG B 288 37.89 -9.61 -10.16
C ARG B 288 38.24 -8.65 -9.01
N VAL B 289 37.61 -8.86 -7.85
CA VAL B 289 37.83 -8.00 -6.70
C VAL B 289 38.82 -8.59 -5.70
N VAL B 290 39.49 -7.70 -4.96
CA VAL B 290 40.45 -8.10 -3.95
C VAL B 290 40.08 -7.33 -2.69
N ALA B 291 39.68 -8.06 -1.66
CA ALA B 291 39.28 -7.43 -0.40
C ALA B 291 39.98 -8.08 0.79
N GLN B 292 40.20 -7.28 1.83
CA GLN B 292 40.88 -7.72 3.04
C GLN B 292 39.99 -7.58 4.29
N SER B 293 40.00 -8.61 5.12
CA SER B 293 39.19 -8.59 6.34
C SER B 293 39.48 -7.33 7.14
N THR B 294 38.40 -6.68 7.59
CA THR B 294 38.48 -5.44 8.36
C THR B 294 39.16 -5.64 9.71
N ASN B 295 38.80 -6.74 10.37
CA ASN B 295 39.32 -7.08 11.69
C ASN B 295 40.61 -7.89 11.69
N SER B 296 40.98 -8.44 10.55
CA SER B 296 42.19 -9.23 10.48
C SER B 296 43.07 -8.86 9.30
N GLU B 297 43.57 -9.88 8.63
CA GLU B 297 44.43 -9.71 7.48
C GLU B 297 44.04 -10.65 6.36
N GLU B 298 43.21 -11.65 6.67
CA GLU B 298 42.79 -12.61 5.66
C GLU B 298 42.22 -11.88 4.45
N ILE B 299 42.64 -12.31 3.27
CA ILE B 299 42.21 -11.67 2.03
C ILE B 299 41.61 -12.71 1.07
N ILE B 300 40.57 -12.28 0.35
CA ILE B 300 39.91 -13.16 -0.60
C ILE B 300 39.62 -12.41 -1.90
N GLU B 301 39.37 -13.17 -2.96
CA GLU B 301 39.08 -12.58 -4.25
C GLU B 301 37.95 -13.31 -4.97
N GLY B 302 37.07 -12.54 -5.60
CA GLY B 302 35.95 -13.13 -6.31
C GLY B 302 35.85 -12.57 -7.71
N GLU B 303 35.03 -13.21 -8.54
CA GLU B 303 34.83 -12.76 -9.91
C GLU B 303 33.40 -12.26 -10.15
N TYR B 304 33.29 -11.03 -10.66
CA TYR B 304 31.98 -10.45 -10.92
C TYR B 304 31.88 -9.77 -12.29
N ASN B 305 30.65 -9.64 -12.78
CA ASN B 305 30.42 -8.99 -14.06
C ASN B 305 30.34 -7.48 -13.87
N THR B 306 29.83 -7.04 -12.71
CA THR B 306 29.69 -5.61 -12.41
C THR B 306 29.96 -5.36 -10.92
N VAL B 307 30.60 -4.23 -10.61
CA VAL B 307 30.90 -3.88 -9.24
C VAL B 307 30.39 -2.46 -8.95
N MET B 308 29.48 -2.34 -7.99
CA MET B 308 28.91 -1.05 -7.63
C MET B 308 29.38 -0.53 -6.28
N LEU B 309 29.72 0.74 -6.22
CA LEU B 309 30.17 1.33 -4.98
C LEU B 309 29.11 2.24 -4.40
N ALA B 310 28.53 1.82 -3.28
CA ALA B 310 27.52 2.62 -2.59
C ALA B 310 28.06 2.75 -1.19
N ILE B 311 29.17 3.48 -1.07
CA ILE B 311 29.83 3.66 0.20
C ILE B 311 29.69 5.05 0.81
N GLY B 312 28.82 5.89 0.25
CA GLY B 312 28.65 7.21 0.79
C GLY B 312 28.65 8.28 -0.26
N ARG B 313 28.28 9.50 0.11
CA ARG B 313 28.23 10.61 -0.83
C ARG B 313 28.95 11.82 -0.24
N ASP B 314 29.46 12.69 -1.12
CA ASP B 314 30.22 13.87 -0.70
C ASP B 314 29.67 15.20 -1.20
N ALA B 315 29.56 16.15 -0.29
CA ALA B 315 29.04 17.47 -0.62
C ALA B 315 29.84 18.21 -1.68
N CYS B 316 29.11 18.84 -2.59
CA CYS B 316 29.75 19.61 -3.65
C CYS B 316 29.84 21.03 -3.11
N THR B 317 30.76 21.24 -2.16
CA THR B 317 30.96 22.55 -1.54
C THR B 317 32.41 23.05 -1.56
N ARG B 318 33.28 22.34 -2.26
CA ARG B 318 34.68 22.74 -2.31
C ARG B 318 35.05 23.45 -3.61
N LYS B 319 35.00 22.75 -4.73
CA LYS B 319 35.34 23.32 -6.02
C LYS B 319 34.38 24.39 -6.53
N ILE B 320 33.78 25.17 -5.63
CA ILE B 320 32.86 26.21 -6.08
C ILE B 320 33.16 27.57 -5.45
N GLY B 321 34.38 27.71 -4.94
CA GLY B 321 34.84 28.95 -4.33
C GLY B 321 33.93 29.68 -3.36
N LEU B 322 34.04 29.35 -2.08
CA LEU B 322 33.24 30.01 -1.07
C LEU B 322 34.10 31.00 -0.30
N GLU B 323 35.42 30.77 -0.32
CA GLU B 323 36.35 31.64 0.37
C GLU B 323 36.34 33.05 -0.21
N THR B 324 36.25 33.13 -1.54
CA THR B 324 36.23 34.42 -2.23
C THR B 324 35.02 35.24 -1.79
N VAL B 325 34.05 34.59 -1.15
CA VAL B 325 32.86 35.29 -0.70
C VAL B 325 32.76 35.31 0.82
N GLY B 326 33.42 34.35 1.46
CA GLY B 326 33.42 34.32 2.91
C GLY B 326 32.69 33.20 3.63
N VAL B 327 31.72 32.57 2.99
CA VAL B 327 30.98 31.48 3.64
C VAL B 327 31.89 30.39 4.19
N LYS B 328 31.73 30.10 5.48
CA LYS B 328 32.54 29.10 6.17
C LYS B 328 31.87 27.74 6.27
N ILE B 329 32.65 26.69 5.98
CA ILE B 329 32.14 25.33 6.02
C ILE B 329 32.91 24.51 7.03
N ASN B 330 32.75 23.20 6.97
CA ASN B 330 33.43 22.27 7.86
C ASN B 330 34.56 21.64 7.07
N GLU B 331 35.78 22.11 7.37
CA GLU B 331 36.99 21.63 6.70
C GLU B 331 37.15 20.12 6.47
N LYS B 332 36.32 19.30 7.11
CA LYS B 332 36.48 17.86 6.92
C LYS B 332 35.28 17.11 6.34
N THR B 333 34.07 17.57 6.60
CA THR B 333 32.89 16.88 6.06
C THR B 333 32.39 17.58 4.81
N GLY B 334 32.57 18.89 4.75
CA GLY B 334 32.12 19.65 3.59
C GLY B 334 30.75 20.23 3.85
N LYS B 335 30.19 19.88 5.01
CA LYS B 335 28.86 20.36 5.36
C LYS B 335 28.84 21.85 5.67
N ILE B 336 27.72 22.49 5.42
CA ILE B 336 27.59 23.91 5.66
C ILE B 336 26.71 24.21 6.88
N PRO B 337 27.29 24.88 7.89
CA PRO B 337 26.59 25.25 9.12
C PRO B 337 25.69 26.44 8.84
N VAL B 338 24.43 26.35 9.25
CA VAL B 338 23.51 27.45 9.02
C VAL B 338 22.62 27.70 10.23
N THR B 339 21.89 28.82 10.20
CA THR B 339 20.98 29.15 11.29
C THR B 339 19.67 28.41 11.02
N ASP B 340 18.84 28.26 12.04
CA ASP B 340 17.59 27.55 11.84
C ASP B 340 16.76 28.22 10.75
N GLU B 341 17.26 29.33 10.23
CA GLU B 341 16.56 30.02 9.15
C GLU B 341 17.29 29.78 7.82
N GLU B 342 18.22 28.83 7.87
CA GLU B 342 19.02 28.40 6.72
C GLU B 342 20.16 29.32 6.30
N GLN B 343 20.24 30.50 6.90
CA GLN B 343 21.29 31.46 6.58
C GLN B 343 22.67 31.03 7.07
N THR B 344 23.70 31.26 6.24
CA THR B 344 25.08 30.92 6.62
C THR B 344 25.62 32.16 7.35
N ASN B 345 26.92 32.26 7.53
CA ASN B 345 27.49 33.42 8.21
C ASN B 345 27.24 34.72 7.44
N VAL B 346 27.38 34.68 6.11
CA VAL B 346 27.13 35.86 5.31
C VAL B 346 25.62 36.03 5.13
N PRO B 347 25.06 37.17 5.59
CA PRO B 347 23.65 37.57 5.57
C PRO B 347 22.85 37.47 4.27
N TYR B 348 23.56 37.29 3.15
CA TYR B 348 22.87 37.18 1.86
C TYR B 348 23.08 35.83 1.19
N ILE B 349 23.83 34.95 1.86
CA ILE B 349 24.13 33.62 1.34
C ILE B 349 23.51 32.50 2.18
N TYR B 350 22.36 31.99 1.74
CA TYR B 350 21.66 30.90 2.44
C TYR B 350 22.13 29.56 1.86
N ALA B 351 21.62 28.46 2.37
CA ALA B 351 22.00 27.13 1.90
C ALA B 351 20.99 26.09 2.41
N ILE B 352 20.71 25.06 1.59
CA ILE B 352 19.76 24.00 1.97
C ILE B 352 20.15 22.67 1.35
N GLY B 353 19.35 21.63 1.63
CA GLY B 353 19.59 20.31 1.06
C GLY B 353 20.58 19.42 1.78
N ASP B 354 21.12 18.43 1.05
CA ASP B 354 22.07 17.47 1.61
C ASP B 354 23.32 18.10 2.22
N ILE B 355 23.93 19.03 1.48
CA ILE B 355 25.16 19.68 1.92
C ILE B 355 25.09 20.25 3.35
N LEU B 356 23.90 20.61 3.81
CA LEU B 356 23.74 21.14 5.16
C LEU B 356 24.37 20.20 6.20
N GLU B 357 24.78 20.78 7.33
CA GLU B 357 25.45 20.04 8.41
C GLU B 357 24.51 19.55 9.52
N ASP B 358 24.62 18.26 9.83
CA ASP B 358 23.79 17.62 10.86
C ASP B 358 22.29 17.97 10.75
N LYS B 359 21.72 17.65 9.60
CA LYS B 359 20.30 17.86 9.34
C LYS B 359 19.85 16.53 8.74
N VAL B 360 18.69 16.50 8.07
CA VAL B 360 18.23 15.25 7.46
C VAL B 360 18.27 15.40 5.94
N GLU B 361 19.06 14.54 5.30
CA GLU B 361 19.27 14.55 3.86
C GLU B 361 18.27 13.74 3.03
N LEU B 362 17.08 14.31 2.87
CA LEU B 362 16.02 13.68 2.12
C LEU B 362 15.38 14.74 1.25
N THR B 363 14.90 14.34 0.09
CA THR B 363 14.29 15.26 -0.85
C THR B 363 13.19 16.15 -0.26
N PRO B 364 12.16 15.56 0.38
CA PRO B 364 11.06 16.37 0.95
C PRO B 364 11.55 17.45 1.90
N VAL B 365 12.59 17.12 2.65
CA VAL B 365 13.17 18.06 3.58
C VAL B 365 13.70 19.23 2.77
N ALA B 366 14.70 18.96 1.93
CA ALA B 366 15.29 20.02 1.10
C ALA B 366 14.20 20.92 0.50
N ILE B 367 13.11 20.31 0.06
CA ILE B 367 11.98 21.03 -0.54
C ILE B 367 11.16 21.84 0.47
N GLN B 368 11.00 21.34 1.68
CA GLN B 368 10.24 22.07 2.70
C GLN B 368 11.10 23.27 3.07
N ALA B 369 12.40 23.02 3.23
CA ALA B 369 13.36 24.06 3.57
C ALA B 369 13.34 25.15 2.50
N GLY B 370 13.39 24.74 1.23
CA GLY B 370 13.38 25.69 0.14
C GLY B 370 12.13 26.54 0.06
N ARG B 371 10.96 25.93 0.14
CA ARG B 371 9.71 26.70 0.05
C ARG B 371 9.52 27.70 1.21
N LEU B 372 10.07 27.39 2.38
CA LEU B 372 9.94 28.25 3.55
C LEU B 372 10.91 29.42 3.47
N LEU B 373 12.19 29.12 3.28
CA LEU B 373 13.21 30.15 3.17
C LEU B 373 12.77 31.24 2.19
N ALA B 374 11.95 30.88 1.22
CA ALA B 374 11.50 31.87 0.25
C ALA B 374 10.36 32.71 0.80
N GLN B 375 9.51 32.10 1.64
CA GLN B 375 8.39 32.84 2.21
C GLN B 375 8.83 33.84 3.26
N ARG B 376 9.83 33.49 4.06
CA ARG B 376 10.33 34.41 5.07
C ARG B 376 10.92 35.62 4.34
N LEU B 377 11.81 35.33 3.40
CA LEU B 377 12.49 36.36 2.62
C LEU B 377 11.61 37.25 1.77
N TYR B 378 10.48 36.74 1.28
CA TYR B 378 9.64 37.56 0.41
C TYR B 378 8.14 37.53 0.70
N ALA B 379 7.69 36.74 1.67
CA ALA B 379 6.26 36.67 1.97
C ALA B 379 5.87 37.22 3.33
N GLY B 380 6.83 37.28 4.25
CA GLY B 380 6.54 37.78 5.58
C GLY B 380 6.40 36.64 6.55
N SER B 381 6.28 35.43 6.04
CA SER B 381 6.16 34.23 6.86
C SER B 381 7.33 34.17 7.84
N THR B 382 7.11 33.59 9.00
CA THR B 382 8.17 33.47 10.00
C THR B 382 8.36 32.01 10.41
N VAL B 383 7.71 31.12 9.66
CA VAL B 383 7.76 29.67 9.92
C VAL B 383 9.08 29.01 9.55
N LYS B 384 9.64 28.28 10.51
CA LYS B 384 10.90 27.56 10.30
C LYS B 384 10.64 26.11 9.89
N CYS B 385 11.66 25.47 9.32
CA CYS B 385 11.53 24.09 8.88
C CYS B 385 11.85 23.14 10.04
N ASP B 386 10.98 22.17 10.25
CA ASP B 386 11.12 21.21 11.33
C ASP B 386 11.95 19.98 10.94
N TYR B 387 13.10 19.79 11.57
CA TYR B 387 13.98 18.67 11.27
C TYR B 387 13.81 17.57 12.32
N GLU B 388 12.80 17.75 13.16
CA GLU B 388 12.50 16.78 14.19
C GLU B 388 11.51 15.72 13.69
N ASN B 389 11.76 14.47 14.04
CA ASN B 389 10.88 13.38 13.68
C ASN B 389 10.43 13.34 12.20
N VAL B 390 11.38 13.45 11.29
CA VAL B 390 11.06 13.39 9.86
C VAL B 390 10.94 11.91 9.56
N PRO B 391 9.89 11.50 8.85
CA PRO B 391 9.74 10.08 8.54
C PRO B 391 10.62 9.68 7.34
N THR B 392 10.88 8.39 7.23
CA THR B 392 11.69 7.88 6.14
C THR B 392 11.25 6.46 5.81
N THR B 393 11.61 5.98 4.63
CA THR B 393 11.29 4.60 4.23
C THR B 393 12.44 4.07 3.37
N VAL B 394 12.87 2.83 3.65
CA VAL B 394 13.91 2.22 2.87
C VAL B 394 13.19 1.17 2.02
N PHE B 395 13.36 1.24 0.71
CA PHE B 395 12.68 0.31 -0.18
C PHE B 395 13.42 -0.97 -0.53
N THR B 396 13.64 -1.77 0.51
CA THR B 396 14.30 -3.07 0.38
C THR B 396 13.24 -4.11 0.02
N PRO B 397 13.65 -5.34 -0.34
CA PRO B 397 12.68 -6.39 -0.71
C PRO B 397 11.46 -6.34 0.18
N LEU B 398 11.68 -6.08 1.45
CA LEU B 398 10.59 -5.91 2.39
C LEU B 398 10.80 -4.48 2.90
N GLU B 399 9.91 -3.59 2.51
CA GLU B 399 9.98 -2.19 2.87
C GLU B 399 10.06 -1.94 4.37
N TYR B 400 10.76 -0.87 4.74
CA TYR B 400 10.89 -0.51 6.15
C TYR B 400 10.61 0.98 6.33
N GLY B 401 9.68 1.30 7.19
CA GLY B 401 9.37 2.69 7.42
C GLY B 401 9.61 3.07 8.87
N ALA B 402 10.10 4.29 9.10
CA ALA B 402 10.39 4.72 10.45
C ALA B 402 10.17 6.21 10.65
N CYS B 403 9.96 6.58 11.90
CA CYS B 403 9.77 7.96 12.26
C CYS B 403 9.98 8.09 13.76
N GLY B 404 10.81 9.06 14.14
CA GLY B 404 11.11 9.27 15.55
C GLY B 404 12.40 8.59 15.94
N LEU B 405 12.61 8.40 17.24
CA LEU B 405 13.83 7.78 17.75
C LEU B 405 13.86 6.27 17.52
N SER B 406 15.06 5.69 17.49
CA SER B 406 15.19 4.25 17.32
C SER B 406 15.13 3.70 18.74
N GLU B 407 15.20 2.38 18.88
CA GLU B 407 15.14 1.81 20.22
C GLU B 407 16.39 2.24 20.97
N GLU B 408 17.55 1.85 20.45
CA GLU B 408 18.83 2.20 21.08
C GLU B 408 18.95 3.68 21.43
N LYS B 409 18.41 4.54 20.59
CA LYS B 409 18.49 5.98 20.85
C LYS B 409 17.55 6.40 21.96
N ALA B 410 16.46 5.65 22.14
CA ALA B 410 15.47 5.94 23.17
C ALA B 410 15.97 5.66 24.58
N VAL B 411 16.57 4.50 24.76
CA VAL B 411 17.09 4.13 26.07
C VAL B 411 18.16 5.14 26.49
N GLU B 412 19.04 5.49 25.56
CA GLU B 412 20.11 6.44 25.82
C GLU B 412 19.62 7.81 26.27
N LYS B 413 18.60 8.31 25.59
CA LYS B 413 18.04 9.63 25.87
C LYS B 413 17.03 9.68 27.02
N PHE B 414 16.46 8.54 27.39
CA PHE B 414 15.47 8.51 28.46
C PHE B 414 15.73 7.53 29.60
N GLY B 415 16.74 6.68 29.44
CA GLY B 415 17.02 5.70 30.47
C GLY B 415 16.17 4.46 30.23
N GLU B 416 16.82 3.31 30.18
CA GLU B 416 16.15 2.04 29.94
C GLU B 416 14.86 1.78 30.73
N GLU B 417 14.79 2.27 31.96
CA GLU B 417 13.61 2.04 32.81
C GLU B 417 12.34 2.85 32.47
N ASN B 418 12.41 3.75 31.50
CA ASN B 418 11.25 4.53 31.12
C ASN B 418 10.84 4.27 29.66
N ILE B 419 11.55 3.33 29.04
CA ILE B 419 11.29 2.98 27.65
C ILE B 419 10.57 1.65 27.48
N GLU B 420 9.29 1.74 27.16
CA GLU B 420 8.49 0.54 26.92
C GLU B 420 8.35 0.35 25.43
N VAL B 421 8.74 -0.83 24.95
CA VAL B 421 8.64 -1.12 23.52
C VAL B 421 7.53 -2.12 23.25
N TYR B 422 6.51 -1.68 22.52
CA TYR B 422 5.40 -2.57 22.15
C TYR B 422 5.60 -3.05 20.72
N HIS B 423 5.55 -4.36 20.53
CA HIS B 423 5.76 -4.91 19.20
C HIS B 423 4.84 -6.07 18.87
N SER B 424 4.91 -6.52 17.61
CA SER B 424 4.09 -7.63 17.13
C SER B 424 4.44 -8.00 15.69
N TYR B 425 4.19 -9.25 15.33
CA TYR B 425 4.41 -9.63 13.94
C TYR B 425 3.05 -9.44 13.28
N PHE B 426 2.98 -9.67 11.97
CA PHE B 426 1.74 -9.58 11.24
C PHE B 426 1.95 -10.25 9.90
N TRP B 427 0.88 -10.83 9.35
CA TRP B 427 0.95 -11.55 8.09
C TRP B 427 -0.04 -10.95 7.09
N PRO B 428 0.48 -10.12 6.16
CA PRO B 428 -0.35 -9.47 5.14
C PRO B 428 -1.34 -10.48 4.56
N LEU B 429 -2.62 -10.16 4.67
CA LEU B 429 -3.68 -11.04 4.17
C LEU B 429 -3.42 -11.47 2.72
N GLU B 430 -2.82 -10.56 1.95
CA GLU B 430 -2.52 -10.83 0.55
C GLU B 430 -1.47 -11.93 0.39
N TRP B 431 -0.75 -12.24 1.46
CA TRP B 431 0.27 -13.26 1.36
C TRP B 431 -0.20 -14.66 1.75
N THR B 432 -1.38 -14.76 2.37
CA THR B 432 -1.90 -16.05 2.83
C THR B 432 -2.31 -17.05 1.74
N ILE B 433 -2.90 -16.55 0.65
CA ILE B 433 -3.29 -17.43 -0.44
C ILE B 433 -2.03 -17.92 -1.19
N PRO B 434 -1.01 -17.05 -1.34
CA PRO B 434 0.24 -17.43 -2.03
C PRO B 434 0.99 -18.24 -1.00
N SER B 435 0.49 -18.15 0.23
CA SER B 435 1.04 -18.84 1.40
C SER B 435 2.54 -18.65 1.53
N ARG B 436 2.98 -17.42 1.79
CA ARG B 436 4.39 -17.15 1.91
C ARG B 436 4.74 -16.09 2.95
N ASP B 437 5.96 -16.19 3.45
CA ASP B 437 6.52 -15.26 4.42
C ASP B 437 5.66 -14.86 5.62
N ASN B 438 5.44 -15.80 6.53
CA ASN B 438 4.68 -15.53 7.75
C ASN B 438 5.71 -15.17 8.83
N ASN B 439 5.34 -14.29 9.75
CA ASN B 439 6.24 -13.88 10.82
C ASN B 439 7.49 -13.16 10.31
N LYS B 440 7.35 -12.37 9.25
CA LYS B 440 8.46 -11.59 8.70
C LYS B 440 8.14 -10.12 8.93
N CYS B 441 6.92 -9.73 8.56
CA CYS B 441 6.48 -8.36 8.76
C CYS B 441 6.43 -8.12 10.27
N TYR B 442 7.08 -7.03 10.70
CA TYR B 442 7.20 -6.72 12.11
C TYR B 442 6.89 -5.26 12.37
N ALA B 443 6.22 -4.98 13.49
CA ALA B 443 5.87 -3.62 13.84
C ALA B 443 6.27 -3.32 15.28
N LYS B 444 6.66 -2.09 15.56
CA LYS B 444 7.02 -1.74 16.92
C LYS B 444 7.02 -0.24 17.17
N ILE B 445 6.76 0.13 18.42
CA ILE B 445 6.74 1.52 18.84
C ILE B 445 7.49 1.65 20.15
N ILE B 446 8.20 2.77 20.30
CA ILE B 446 8.96 3.04 21.50
C ILE B 446 8.16 4.06 22.32
N CYS B 447 7.87 3.72 23.58
CA CYS B 447 7.09 4.60 24.44
C CYS B 447 7.84 5.12 25.66
N ASN B 448 7.65 6.41 25.95
CA ASN B 448 8.29 7.06 27.08
C ASN B 448 7.38 7.05 28.30
N THR B 449 7.66 6.12 29.21
CA THR B 449 6.89 5.96 30.45
C THR B 449 6.73 7.28 31.20
N LYS B 450 7.84 7.99 31.42
CA LYS B 450 7.84 9.27 32.15
C LYS B 450 7.04 10.41 31.50
N ASP B 451 6.56 10.22 30.28
CA ASP B 451 5.81 11.27 29.60
C ASP B 451 4.44 10.84 29.04
N ASN B 452 3.73 10.02 29.80
CA ASN B 452 2.40 9.52 29.42
C ASN B 452 2.52 8.56 28.25
N GLU B 453 3.50 7.69 28.30
CA GLU B 453 3.74 6.74 27.24
C GLU B 453 3.64 7.38 25.85
N ARG B 454 4.26 8.55 25.74
CA ARG B 454 4.33 9.30 24.50
C ARG B 454 5.00 8.36 23.49
N VAL B 455 4.57 8.39 22.24
CA VAL B 455 5.19 7.52 21.24
C VAL B 455 6.36 8.32 20.69
N VAL B 456 7.57 7.93 21.03
CA VAL B 456 8.75 8.66 20.61
C VAL B 456 9.46 8.02 19.42
N GLY B 457 9.01 6.82 19.06
CA GLY B 457 9.61 6.10 17.94
C GLY B 457 8.59 5.22 17.23
N PHE B 458 8.67 5.16 15.91
CA PHE B 458 7.74 4.36 15.11
C PHE B 458 8.48 3.57 14.05
N HIS B 459 8.28 2.25 14.04
CA HIS B 459 8.97 1.36 13.08
C HIS B 459 8.07 0.28 12.50
N VAL B 460 8.11 0.12 11.17
CA VAL B 460 7.32 -0.91 10.52
C VAL B 460 8.08 -1.52 9.37
N LEU B 461 8.08 -2.85 9.34
CA LEU B 461 8.74 -3.63 8.31
C LEU B 461 7.69 -4.43 7.55
N GLY B 462 7.43 -4.04 6.30
CA GLY B 462 6.45 -4.74 5.50
C GLY B 462 5.99 -3.96 4.28
N PRO B 463 5.00 -4.50 3.55
CA PRO B 463 4.39 -3.95 2.34
C PRO B 463 3.88 -2.51 2.52
N ASN B 464 4.17 -1.65 1.56
CA ASN B 464 3.71 -0.26 1.58
C ASN B 464 4.11 0.51 2.86
N ALA B 465 5.26 0.17 3.44
CA ALA B 465 5.75 0.80 4.67
C ALA B 465 5.63 2.31 4.68
N GLY B 466 5.93 2.93 3.53
CA GLY B 466 5.83 4.38 3.45
C GLY B 466 4.40 4.88 3.57
N GLU B 467 3.47 4.30 2.81
CA GLU B 467 2.06 4.69 2.85
C GLU B 467 1.56 4.57 4.29
N VAL B 468 2.09 3.58 5.01
CA VAL B 468 1.71 3.36 6.39
C VAL B 468 2.28 4.40 7.36
N THR B 469 3.58 4.69 7.21
CA THR B 469 4.30 5.64 8.08
C THR B 469 3.88 7.12 7.97
N GLN B 470 3.49 7.58 6.79
CA GLN B 470 3.13 8.98 6.64
C GLN B 470 2.17 9.52 7.72
N GLY B 471 0.95 9.02 7.77
CA GLY B 471 -0.02 9.49 8.75
C GLY B 471 0.45 9.42 10.20
N PHE B 472 1.25 8.42 10.52
CA PHE B 472 1.76 8.28 11.86
C PHE B 472 2.81 9.35 12.20
N ALA B 473 3.40 9.98 11.19
CA ALA B 473 4.39 11.01 11.45
C ALA B 473 3.63 12.27 11.85
N ALA B 474 2.42 12.42 11.31
CA ALA B 474 1.57 13.56 11.63
C ALA B 474 1.07 13.37 13.06
N ALA B 475 0.74 12.13 13.40
CA ALA B 475 0.27 11.82 14.74
C ALA B 475 1.38 12.24 15.70
N LEU B 476 2.64 11.94 15.33
CA LEU B 476 3.79 12.29 16.16
C LEU B 476 3.99 13.80 16.30
N LYS B 477 3.59 14.56 15.29
CA LYS B 477 3.71 16.01 15.37
C LYS B 477 2.62 16.56 16.29
N CYS B 478 1.69 15.68 16.68
CA CYS B 478 0.60 16.04 17.57
C CYS B 478 0.81 15.35 18.93
N GLY B 479 2.03 14.88 19.16
CA GLY B 479 2.36 14.23 20.41
C GLY B 479 1.51 13.03 20.79
N LEU B 480 1.40 12.06 19.90
CA LEU B 480 0.61 10.85 20.16
C LEU B 480 1.11 10.05 21.36
N THR B 481 0.16 9.50 22.11
CA THR B 481 0.46 8.69 23.28
C THR B 481 -0.13 7.29 23.15
N LYS B 482 0.36 6.35 23.95
CA LYS B 482 -0.18 5.00 23.87
C LYS B 482 -1.70 4.99 24.06
N LYS B 483 -2.20 5.64 25.11
CA LYS B 483 -3.65 5.67 25.35
C LYS B 483 -4.44 6.11 24.12
N GLN B 484 -3.98 7.17 23.47
CA GLN B 484 -4.64 7.71 22.29
C GLN B 484 -4.60 6.70 21.14
N LEU B 485 -3.48 6.00 21.03
CA LEU B 485 -3.29 5.02 19.99
C LEU B 485 -4.27 3.87 20.20
N ASP B 486 -4.26 3.33 21.42
CA ASP B 486 -5.14 2.22 21.79
C ASP B 486 -6.61 2.60 21.56
N SER B 487 -6.89 3.90 21.65
CA SER B 487 -8.24 4.40 21.47
C SER B 487 -8.63 4.55 20.00
N THR B 488 -7.69 4.39 19.10
CA THR B 488 -8.02 4.52 17.69
C THR B 488 -8.42 3.16 17.10
N ILE B 489 -9.49 3.17 16.31
CA ILE B 489 -9.97 1.93 15.69
C ILE B 489 -9.24 1.65 14.37
N GLY B 490 -8.64 0.48 14.25
CA GLY B 490 -7.94 0.14 13.02
C GLY B 490 -8.88 -0.09 11.85
N ILE B 491 -8.32 -0.11 10.64
CA ILE B 491 -9.14 -0.37 9.46
C ILE B 491 -8.89 -1.84 9.11
N HIS B 492 -9.97 -2.59 8.89
CA HIS B 492 -9.86 -4.02 8.57
C HIS B 492 -10.43 -4.29 7.19
N PRO B 493 -9.76 -5.14 6.40
CA PRO B 493 -8.52 -5.84 6.73
C PRO B 493 -7.32 -5.12 6.11
N VAL B 494 -6.48 -4.51 6.93
CA VAL B 494 -5.34 -3.79 6.42
C VAL B 494 -4.11 -3.95 7.33
N CYS B 495 -2.92 -3.98 6.73
CA CYS B 495 -1.69 -4.14 7.50
C CYS B 495 -1.52 -3.15 8.66
N ALA B 496 -1.58 -1.85 8.34
CA ALA B 496 -1.42 -0.80 9.33
C ALA B 496 -2.20 -0.94 10.64
N GLU B 497 -3.33 -1.65 10.62
CA GLU B 497 -4.16 -1.79 11.81
C GLU B 497 -3.49 -2.49 12.97
N VAL B 498 -2.36 -3.14 12.68
CA VAL B 498 -1.62 -3.83 13.71
C VAL B 498 -1.19 -2.84 14.80
N PHE B 499 -0.87 -1.60 14.40
CA PHE B 499 -0.43 -0.59 15.35
C PHE B 499 -1.49 -0.12 16.33
N THR B 500 -2.75 -0.42 16.04
CA THR B 500 -3.85 0.02 16.91
C THR B 500 -4.18 -0.91 18.05
N THR B 501 -3.44 -2.02 18.17
CA THR B 501 -3.71 -2.99 19.22
C THR B 501 -2.47 -3.64 19.86
N LEU B 502 -1.30 -3.04 19.71
CA LEU B 502 -0.10 -3.61 20.30
C LEU B 502 -0.22 -3.66 21.82
N SER B 503 -0.11 -4.88 22.37
CA SER B 503 -0.24 -5.09 23.82
C SER B 503 0.97 -5.78 24.45
N VAL B 504 1.74 -6.51 23.66
CA VAL B 504 2.92 -7.21 24.17
C VAL B 504 4.19 -6.34 24.14
N THR B 505 4.82 -6.19 25.30
CA THR B 505 6.01 -5.36 25.43
C THR B 505 7.23 -6.25 25.36
N LYS B 506 8.38 -5.70 24.99
CA LYS B 506 9.58 -6.51 24.94
C LYS B 506 9.92 -6.97 26.36
N ARG B 507 9.73 -6.06 27.32
CA ARG B 507 10.02 -6.35 28.73
C ARG B 507 9.37 -7.63 29.27
N SER B 508 8.08 -7.79 29.02
CA SER B 508 7.34 -8.96 29.49
C SER B 508 7.89 -10.28 28.97
N GLY B 509 8.47 -10.27 27.77
CA GLY B 509 9.04 -11.48 27.20
C GLY B 509 8.13 -12.47 26.48
N ALA B 510 6.84 -12.15 26.36
CA ALA B 510 5.88 -13.06 25.69
C ALA B 510 6.18 -13.28 24.21
N SER B 511 5.77 -14.44 23.69
CA SER B 511 5.98 -14.77 22.29
C SER B 511 5.04 -13.96 21.42
N ILE B 512 5.55 -13.54 20.26
CA ILE B 512 4.74 -12.76 19.33
C ILE B 512 4.74 -13.46 17.98
N LEU B 513 5.48 -14.58 17.92
CA LEU B 513 5.56 -15.37 16.70
C LEU B 513 4.21 -16.04 16.50
N GLN B 514 3.42 -15.51 15.58
CA GLN B 514 2.09 -16.05 15.32
C GLN B 514 2.12 -17.44 14.65
N ALA B 515 0.97 -17.90 14.18
CA ALA B 515 0.87 -19.23 13.57
C ALA B 515 0.69 -19.26 12.06
N GLY B 516 1.04 -20.40 11.47
CA GLY B 516 0.91 -20.60 10.04
C GLY B 516 -0.43 -21.18 9.63
N SER B 517 -0.64 -21.30 8.32
CA SER B 517 -1.89 -21.83 7.76
C SER B 517 -2.51 -23.02 8.49
N CYS B 518 -1.81 -24.15 8.49
CA CYS B 518 -2.36 -25.35 9.12
C CYS B 518 -2.48 -25.23 10.65
N GLY B 519 -2.09 -24.08 11.20
CA GLY B 519 -2.18 -23.90 12.63
C GLY B 519 -0.83 -23.65 13.28
N SER C 12 -6.97 -50.03 4.50
CA SER C 12 -8.18 -49.19 4.66
C SER C 12 -8.20 -48.47 6.02
N VAL C 13 -8.51 -47.18 5.97
CA VAL C 13 -8.58 -46.34 7.17
C VAL C 13 -10.03 -45.96 7.39
N LYS C 14 -10.48 -45.97 8.65
CA LYS C 14 -11.87 -45.61 8.94
C LYS C 14 -12.05 -44.10 9.08
N GLN C 15 -12.92 -43.54 8.25
CA GLN C 15 -13.20 -42.11 8.27
C GLN C 15 -14.25 -41.82 9.31
N ILE C 16 -13.92 -42.04 10.57
CA ILE C 16 -14.88 -41.81 11.65
C ILE C 16 -15.75 -40.59 11.40
N GLU C 17 -17.03 -40.74 11.72
CA GLU C 17 -18.02 -39.67 11.53
C GLU C 17 -18.61 -39.19 12.86
N SER C 18 -18.10 -39.69 13.97
CA SER C 18 -18.62 -39.28 15.27
C SER C 18 -17.70 -39.66 16.43
N LYS C 19 -17.75 -38.88 17.51
CA LYS C 19 -16.93 -39.17 18.68
C LYS C 19 -17.45 -40.49 19.25
N THR C 20 -18.63 -40.88 18.78
CA THR C 20 -19.26 -42.11 19.20
C THR C 20 -18.55 -43.25 18.47
N ALA C 21 -18.38 -43.08 17.16
CA ALA C 21 -17.70 -44.07 16.34
C ALA C 21 -16.19 -43.98 16.57
N PHE C 22 -15.78 -42.95 17.30
CA PHE C 22 -14.38 -42.73 17.62
C PHE C 22 -13.99 -43.57 18.84
N GLN C 23 -14.57 -43.24 19.99
CA GLN C 23 -14.29 -43.97 21.23
C GLN C 23 -14.75 -45.43 21.16
N GLU C 24 -15.65 -45.70 20.23
CA GLU C 24 -16.16 -47.05 20.02
C GLU C 24 -15.16 -47.83 19.18
N ALA C 25 -14.61 -47.16 18.17
CA ALA C 25 -13.63 -47.76 17.29
C ALA C 25 -12.34 -48.03 18.05
N LEU C 26 -11.91 -47.06 18.87
CA LEU C 26 -10.69 -47.20 19.67
C LEU C 26 -10.74 -48.54 20.40
N ASP C 27 -11.96 -49.00 20.66
CA ASP C 27 -12.20 -50.27 21.35
C ASP C 27 -12.21 -51.44 20.37
N ALA C 28 -12.94 -51.29 19.27
CA ALA C 28 -13.03 -52.33 18.25
C ALA C 28 -11.67 -52.92 17.90
N ALA C 29 -10.62 -52.24 18.38
CA ALA C 29 -9.24 -52.67 18.18
C ALA C 29 -8.76 -53.28 19.48
N GLY C 30 -8.60 -54.60 19.49
CA GLY C 30 -8.15 -55.29 20.69
C GLY C 30 -6.87 -54.71 21.26
N ASP C 31 -5.78 -55.47 21.13
CA ASP C 31 -4.49 -55.04 21.63
C ASP C 31 -3.88 -54.16 20.55
N LYS C 32 -4.55 -54.14 19.40
CA LYS C 32 -4.14 -53.38 18.23
C LYS C 32 -3.90 -51.89 18.51
N LEU C 33 -2.89 -51.32 17.87
CA LEU C 33 -2.54 -49.90 18.02
C LEU C 33 -3.45 -49.03 17.16
N VAL C 34 -3.94 -47.93 17.75
CA VAL C 34 -4.82 -47.03 17.03
C VAL C 34 -4.08 -45.77 16.56
N VAL C 35 -3.82 -45.68 15.25
CA VAL C 35 -3.13 -44.54 14.65
C VAL C 35 -4.15 -43.58 14.03
N VAL C 36 -4.23 -42.37 14.58
CA VAL C 36 -5.16 -41.35 14.12
C VAL C 36 -4.55 -40.24 13.26
N ASP C 37 -5.18 -40.00 12.12
CA ASP C 37 -4.75 -38.97 11.18
C ASP C 37 -5.69 -37.78 11.27
N PHE C 38 -5.25 -36.70 11.91
CA PHE C 38 -6.07 -35.51 12.01
C PHE C 38 -5.74 -34.63 10.82
N SER C 39 -6.68 -34.61 9.87
CA SER C 39 -6.51 -33.88 8.62
C SER C 39 -7.46 -32.74 8.34
N ALA C 40 -7.06 -31.90 7.39
CA ALA C 40 -7.82 -30.74 6.97
C ALA C 40 -7.65 -30.49 5.47
N THR C 41 -8.76 -30.59 4.76
CA THR C 41 -8.79 -30.39 3.32
C THR C 41 -8.13 -29.08 2.94
N TRP C 42 -8.21 -28.08 3.81
CA TRP C 42 -7.61 -26.79 3.49
C TRP C 42 -6.12 -26.71 3.75
N CYS C 43 -5.56 -27.76 4.34
CA CYS C 43 -4.13 -27.78 4.66
C CYS C 43 -3.28 -28.55 3.65
N GLY C 44 -2.37 -27.81 3.01
CA GLY C 44 -1.47 -28.36 2.00
C GLY C 44 -0.70 -29.60 2.37
N PRO C 45 0.27 -29.50 3.30
CA PRO C 45 1.03 -30.69 3.68
C PRO C 45 0.12 -31.86 4.11
N SER C 46 -1.08 -31.52 4.62
CA SER C 46 -2.02 -32.52 5.08
C SER C 46 -2.51 -33.42 3.96
N LYS C 47 -2.71 -32.86 2.78
CA LYS C 47 -3.20 -33.62 1.64
C LYS C 47 -2.07 -34.35 0.95
N MET C 48 -0.86 -33.85 1.14
CA MET C 48 0.32 -34.44 0.54
C MET C 48 0.70 -35.76 1.22
N ILE C 49 0.53 -35.80 2.53
CA ILE C 49 0.88 -37.00 3.27
C ILE C 49 -0.29 -38.01 3.32
N LYS C 50 -1.48 -37.55 2.95
CA LYS C 50 -2.68 -38.39 2.97
C LYS C 50 -2.56 -39.70 2.15
N PRO C 51 -2.21 -39.59 0.86
CA PRO C 51 -2.08 -40.81 0.05
C PRO C 51 -1.18 -41.86 0.72
N PHE C 52 -0.08 -41.39 1.31
CA PHE C 52 0.88 -42.25 2.00
C PHE C 52 0.29 -42.92 3.22
N PHE C 53 -0.53 -42.18 3.96
CA PHE C 53 -1.19 -42.72 5.15
C PHE C 53 -2.06 -43.89 4.70
N HIS C 54 -2.70 -43.72 3.53
CA HIS C 54 -3.57 -44.74 2.94
C HIS C 54 -2.79 -45.98 2.55
N SER C 55 -1.64 -45.81 1.89
CA SER C 55 -0.80 -46.94 1.47
C SER C 55 0.02 -47.44 2.65
N LEU C 56 0.00 -46.69 3.73
CA LEU C 56 0.74 -47.05 4.93
C LEU C 56 -0.22 -47.87 5.78
N SER C 57 -1.50 -47.55 5.68
CA SER C 57 -2.53 -48.25 6.44
C SER C 57 -2.50 -49.70 6.07
N GLU C 58 -2.19 -49.97 4.81
CA GLU C 58 -2.14 -51.33 4.31
C GLU C 58 -0.89 -52.08 4.80
N LYS C 59 0.29 -51.56 4.48
CA LYS C 59 1.55 -52.18 4.89
C LYS C 59 1.52 -52.68 6.33
N TYR C 60 0.64 -52.11 7.14
CA TYR C 60 0.51 -52.48 8.54
C TYR C 60 -0.93 -52.90 8.88
N SER C 61 -1.49 -53.84 8.11
CA SER C 61 -2.87 -54.29 8.35
C SER C 61 -3.11 -54.83 9.75
N ASN C 62 -2.08 -54.76 10.59
CA ASN C 62 -2.17 -55.22 11.96
C ASN C 62 -2.51 -54.04 12.88
N VAL C 63 -2.09 -52.84 12.50
CA VAL C 63 -2.39 -51.63 13.28
C VAL C 63 -3.73 -51.09 12.78
N ILE C 64 -4.47 -50.37 13.62
CA ILE C 64 -5.74 -49.82 13.18
C ILE C 64 -5.65 -48.34 12.81
N PHE C 65 -5.81 -48.06 11.52
CA PHE C 65 -5.73 -46.70 10.99
C PHE C 65 -7.07 -45.95 10.97
N LEU C 66 -7.09 -44.82 11.68
CA LEU C 66 -8.28 -43.97 11.80
C LEU C 66 -8.01 -42.57 11.26
N GLU C 67 -8.99 -42.00 10.56
CA GLU C 67 -8.84 -40.66 10.02
C GLU C 67 -9.89 -39.72 10.58
N VAL C 68 -9.50 -38.48 10.81
CA VAL C 68 -10.42 -37.50 11.36
C VAL C 68 -10.24 -36.15 10.70
N ASP C 69 -11.22 -35.80 9.87
CA ASP C 69 -11.22 -34.51 9.20
C ASP C 69 -11.74 -33.54 10.26
N VAL C 70 -10.86 -32.70 10.77
CA VAL C 70 -11.20 -31.75 11.82
C VAL C 70 -12.52 -30.98 11.67
N ASP C 71 -13.06 -30.91 10.45
CA ASP C 71 -14.32 -30.18 10.25
C ASP C 71 -15.55 -31.08 10.23
N ASP C 72 -15.48 -32.15 9.46
CA ASP C 72 -16.60 -33.07 9.37
C ASP C 72 -16.96 -33.64 10.75
N CYS C 73 -16.07 -33.45 11.72
CA CYS C 73 -16.28 -33.92 13.08
C CYS C 73 -15.29 -33.28 14.05
N GLN C 74 -15.35 -31.95 14.10
CA GLN C 74 -14.52 -31.09 14.95
C GLN C 74 -14.64 -31.39 16.44
N ASP C 75 -15.63 -32.18 16.81
CA ASP C 75 -15.87 -32.55 18.21
C ASP C 75 -14.92 -33.64 18.70
N VAL C 76 -14.20 -34.25 17.77
CA VAL C 76 -13.23 -35.29 18.13
C VAL C 76 -11.87 -34.61 18.25
N ALA C 77 -11.49 -33.90 17.19
CA ALA C 77 -10.22 -33.19 17.16
C ALA C 77 -10.19 -32.22 18.32
N SER C 78 -11.37 -31.76 18.70
CA SER C 78 -11.52 -30.82 19.81
C SER C 78 -11.01 -31.43 21.09
N GLU C 79 -11.52 -32.62 21.41
CA GLU C 79 -11.10 -33.30 22.62
C GLU C 79 -9.59 -33.45 22.59
N CYS C 80 -9.15 -34.39 21.75
CA CYS C 80 -7.76 -34.73 21.57
C CYS C 80 -6.74 -33.59 21.64
N GLU C 81 -7.22 -32.35 21.54
CA GLU C 81 -6.36 -31.17 21.62
C GLU C 81 -5.47 -30.96 20.40
N VAL C 82 -6.02 -31.15 19.22
CA VAL C 82 -5.27 -30.94 17.99
C VAL C 82 -5.12 -29.44 17.76
N LYS C 83 -3.96 -29.00 17.27
CA LYS C 83 -3.77 -27.58 17.03
C LYS C 83 -3.23 -27.29 15.62
N SER C 84 -2.47 -28.23 15.08
CA SER C 84 -1.90 -28.07 13.74
C SER C 84 -2.24 -29.27 12.87
N MET C 85 -2.14 -29.08 11.56
CA MET C 85 -2.43 -30.15 10.62
C MET C 85 -1.19 -30.35 9.76
N PRO C 86 -0.79 -31.60 9.52
CA PRO C 86 -1.43 -32.83 10.01
C PRO C 86 -0.95 -33.13 11.40
N THR C 87 -1.73 -33.90 12.12
CA THR C 87 -1.37 -34.31 13.46
C THR C 87 -1.65 -35.78 13.53
N PHE C 88 -0.75 -36.52 14.16
CA PHE C 88 -0.94 -37.96 14.30
C PHE C 88 -0.86 -38.30 15.78
N GLN C 89 -1.86 -39.02 16.27
CA GLN C 89 -1.88 -39.39 17.68
C GLN C 89 -2.00 -40.89 17.76
N PHE C 90 -1.27 -41.48 18.69
CA PHE C 90 -1.29 -42.91 18.84
C PHE C 90 -1.96 -43.27 20.15
N PHE C 91 -2.76 -44.32 20.11
CA PHE C 91 -3.47 -44.76 21.29
C PHE C 91 -3.19 -46.23 21.65
N LYS C 92 -3.14 -46.49 22.95
CA LYS C 92 -2.91 -47.85 23.46
C LYS C 92 -4.16 -48.23 24.25
N LYS C 93 -5.15 -48.76 23.55
CA LYS C 93 -6.40 -49.15 24.19
C LYS C 93 -6.95 -47.97 25.00
N GLY C 94 -7.24 -46.86 24.33
CA GLY C 94 -7.79 -45.70 25.01
C GLY C 94 -6.83 -44.65 25.54
N GLN C 95 -5.62 -45.05 25.95
CA GLN C 95 -4.64 -44.10 26.49
C GLN C 95 -3.71 -43.52 25.41
N LYS C 96 -3.63 -42.20 25.38
CA LYS C 96 -2.79 -41.49 24.41
C LYS C 96 -1.32 -41.76 24.64
N VAL C 97 -0.71 -42.58 23.79
CA VAL C 97 0.70 -42.90 23.92
C VAL C 97 1.57 -42.00 23.05
N GLY C 98 1.42 -42.12 21.73
CA GLY C 98 2.22 -41.32 20.82
C GLY C 98 1.46 -40.17 20.19
N GLU C 99 2.20 -39.27 19.55
CA GLU C 99 1.61 -38.12 18.89
C GLU C 99 2.66 -37.10 18.41
N PHE C 100 2.47 -36.60 17.18
CA PHE C 100 3.37 -35.61 16.60
C PHE C 100 2.65 -34.80 15.51
N SER C 101 3.30 -33.76 15.01
CA SER C 101 2.72 -32.91 13.96
C SER C 101 3.66 -32.71 12.77
N GLY C 102 3.06 -32.38 11.63
CA GLY C 102 3.82 -32.16 10.41
C GLY C 102 3.64 -33.31 9.45
N ALA C 103 3.87 -33.07 8.17
CA ALA C 103 3.72 -34.12 7.18
C ALA C 103 5.05 -34.83 6.94
N ASN C 104 5.71 -35.17 8.04
CA ASN C 104 6.98 -35.88 8.00
C ASN C 104 6.60 -37.35 7.95
N LYS C 105 6.62 -37.94 6.76
CA LYS C 105 6.22 -39.33 6.59
C LYS C 105 7.18 -40.35 7.22
N GLU C 106 8.47 -40.04 7.18
CA GLU C 106 9.48 -40.93 7.74
C GLU C 106 9.20 -41.07 9.23
N LYS C 107 9.11 -39.93 9.89
CA LYS C 107 8.83 -39.86 11.31
C LYS C 107 7.56 -40.68 11.58
N LEU C 108 6.58 -40.57 10.69
CA LEU C 108 5.32 -41.28 10.83
C LEU C 108 5.48 -42.79 10.99
N GLU C 109 5.91 -43.43 9.92
CA GLU C 109 6.11 -44.88 9.90
C GLU C 109 7.02 -45.34 11.04
N ALA C 110 8.10 -44.58 11.27
CA ALA C 110 9.05 -44.90 12.34
C ALA C 110 8.43 -44.82 13.73
N THR C 111 7.17 -44.39 13.79
CA THR C 111 6.47 -44.30 15.06
C THR C 111 5.55 -45.49 15.17
N ILE C 112 4.95 -45.87 14.05
CA ILE C 112 4.06 -47.02 14.04
C ILE C 112 4.91 -48.24 14.36
N ASN C 113 6.22 -48.14 14.10
CA ASN C 113 7.17 -49.21 14.41
C ASN C 113 7.41 -49.17 15.92
N GLU C 114 8.27 -48.24 16.33
CA GLU C 114 8.62 -48.04 17.73
C GLU C 114 7.52 -48.44 18.71
N LEU C 115 6.30 -47.97 18.47
CA LEU C 115 5.18 -48.27 19.36
C LEU C 115 4.18 -49.26 18.77
N VAL C 116 4.61 -50.14 17.87
CA VAL C 116 3.72 -51.12 17.26
C VAL C 116 2.66 -51.62 18.24
N SER D 12 14.13 13.26 -47.09
CA SER D 12 13.07 13.07 -46.05
C SER D 12 12.84 14.36 -45.26
N VAL D 13 13.24 14.34 -43.98
CA VAL D 13 13.07 15.48 -43.08
C VAL D 13 14.41 15.99 -42.53
N LYS D 14 14.62 17.30 -42.60
CA LYS D 14 15.86 17.91 -42.10
C LYS D 14 15.88 18.05 -40.58
N GLN D 15 16.66 17.19 -39.93
CA GLN D 15 16.81 17.19 -38.48
C GLN D 15 17.64 18.41 -38.07
N ILE D 16 17.00 19.38 -37.41
CA ILE D 16 17.71 20.58 -37.00
C ILE D 16 18.29 20.41 -35.60
N GLU D 17 19.51 20.90 -35.39
CA GLU D 17 20.20 20.77 -34.10
C GLU D 17 20.93 22.05 -33.70
N SER D 18 20.44 23.20 -34.17
CA SER D 18 21.06 24.48 -33.85
C SER D 18 20.05 25.63 -33.92
N LYS D 19 20.38 26.76 -33.30
CA LYS D 19 19.50 27.93 -33.32
C LYS D 19 19.84 28.69 -34.61
N THR D 20 21.02 28.37 -35.14
CA THR D 20 21.53 28.97 -36.37
C THR D 20 20.95 28.19 -37.56
N ALA D 21 20.84 26.88 -37.38
CA ALA D 21 20.29 26.02 -38.43
C ALA D 21 18.78 26.24 -38.47
N PHE D 22 18.28 27.07 -37.56
CA PHE D 22 16.86 27.37 -37.48
C PHE D 22 16.59 28.83 -37.85
N GLN D 23 16.80 29.73 -36.90
CA GLN D 23 16.57 31.15 -37.12
C GLN D 23 17.17 31.69 -38.42
N GLU D 24 18.11 30.96 -38.99
CA GLU D 24 18.76 31.38 -40.24
C GLU D 24 18.35 30.52 -41.45
N ALA D 25 18.14 29.23 -41.23
CA ALA D 25 17.74 28.35 -42.33
C ALA D 25 16.25 28.47 -42.65
N LEU D 26 15.52 29.15 -41.78
CA LEU D 26 14.09 29.37 -41.97
C LEU D 26 13.98 30.44 -43.05
N ASP D 27 15.10 30.67 -43.73
CA ASP D 27 15.18 31.67 -44.80
C ASP D 27 15.50 31.00 -46.14
N ALA D 28 16.57 30.21 -46.15
CA ALA D 28 17.02 29.51 -47.36
C ALA D 28 15.94 28.63 -47.99
N ALA D 29 14.76 28.60 -47.40
CA ALA D 29 13.65 27.81 -47.93
C ALA D 29 12.76 28.68 -48.81
N GLY D 30 12.67 29.96 -48.47
CA GLY D 30 11.86 30.88 -49.25
C GLY D 30 10.45 31.10 -48.71
N ASP D 31 9.48 30.60 -49.46
CA ASP D 31 8.08 30.73 -49.08
C ASP D 31 7.46 29.34 -48.96
N LYS D 32 8.09 28.36 -49.62
CA LYS D 32 7.63 26.97 -49.57
C LYS D 32 7.42 26.63 -48.10
N LEU D 33 6.17 26.64 -47.67
CA LEU D 33 5.80 26.34 -46.28
C LEU D 33 6.76 25.36 -45.60
N VAL D 34 7.03 25.60 -44.33
CA VAL D 34 7.90 24.73 -43.58
C VAL D 34 7.26 24.37 -42.25
N VAL D 35 6.92 23.09 -42.09
CA VAL D 35 6.28 22.62 -40.86
C VAL D 35 7.34 22.16 -39.88
N VAL D 36 7.30 22.72 -38.68
CA VAL D 36 8.25 22.35 -37.63
C VAL D 36 7.66 21.34 -36.65
N ASP D 37 8.38 20.24 -36.46
CA ASP D 37 7.95 19.17 -35.58
C ASP D 37 8.76 19.12 -34.28
N PHE D 38 8.16 19.58 -33.18
CA PHE D 38 8.82 19.56 -31.88
C PHE D 38 8.47 18.25 -31.18
N SER D 39 9.48 17.40 -31.02
CA SER D 39 9.24 16.09 -30.42
C SER D 39 10.24 15.66 -29.36
N ALA D 40 9.96 14.51 -28.76
CA ALA D 40 10.80 13.96 -27.72
C ALA D 40 10.94 12.44 -27.85
N THR D 41 12.17 11.97 -27.69
CA THR D 41 12.48 10.55 -27.78
C THR D 41 11.76 9.79 -26.66
N TRP D 42 11.28 10.51 -25.65
CA TRP D 42 10.59 9.87 -24.52
C TRP D 42 9.06 10.00 -24.51
N CYS D 43 8.50 10.74 -25.46
CA CYS D 43 7.05 10.87 -25.47
C CYS D 43 6.43 9.88 -26.46
N GLY D 44 5.57 9.02 -25.92
CA GLY D 44 4.89 8.01 -26.71
C GLY D 44 4.20 8.54 -27.95
N PRO D 45 3.14 9.38 -27.80
CA PRO D 45 2.45 9.91 -28.99
C PRO D 45 3.39 10.69 -29.92
N SER D 46 4.46 11.24 -29.37
CA SER D 46 5.44 11.97 -30.17
C SER D 46 6.01 11.03 -31.24
N LYS D 47 6.28 9.79 -30.84
CA LYS D 47 6.82 8.77 -31.73
C LYS D 47 5.70 8.28 -32.64
N MET D 48 4.57 7.95 -32.03
CA MET D 48 3.39 7.45 -32.74
C MET D 48 3.14 8.18 -34.06
N ILE D 49 3.36 9.48 -34.08
CA ILE D 49 3.11 10.27 -35.27
C ILE D 49 4.37 10.56 -36.09
N LYS D 50 5.52 10.12 -35.58
CA LYS D 50 6.79 10.34 -36.28
C LYS D 50 6.80 9.78 -37.71
N PRO D 51 6.47 8.48 -37.88
CA PRO D 51 6.44 7.86 -39.22
C PRO D 51 5.55 8.64 -40.17
N PHE D 52 4.33 8.96 -39.71
CA PHE D 52 3.38 9.74 -40.51
C PHE D 52 4.01 11.06 -40.95
N PHE D 53 4.79 11.68 -40.07
CA PHE D 53 5.43 12.96 -40.37
C PHE D 53 6.56 12.81 -41.38
N HIS D 54 7.31 11.72 -41.25
CA HIS D 54 8.43 11.46 -42.15
C HIS D 54 7.95 10.93 -43.50
N SER D 55 6.87 10.15 -43.50
CA SER D 55 6.35 9.60 -44.75
C SER D 55 5.40 10.62 -45.39
N LEU D 56 5.19 11.73 -44.70
CA LEU D 56 4.33 12.78 -45.18
C LEU D 56 5.25 13.81 -45.78
N SER D 57 6.53 13.71 -45.43
CA SER D 57 7.52 14.63 -45.95
C SER D 57 7.80 14.23 -47.39
N GLU D 58 7.65 12.94 -47.69
CA GLU D 58 7.87 12.43 -49.03
C GLU D 58 6.67 12.75 -49.91
N LYS D 59 5.59 13.21 -49.28
CA LYS D 59 4.34 13.53 -49.98
C LYS D 59 4.08 15.04 -50.24
N TYR D 60 5.10 15.88 -50.00
CA TYR D 60 4.95 17.32 -50.24
C TYR D 60 6.32 17.97 -50.50
N SER D 61 6.58 18.31 -51.75
CA SER D 61 7.85 18.93 -52.14
C SER D 61 7.84 20.43 -51.91
N ASN D 62 6.69 21.04 -52.18
CA ASN D 62 6.51 22.48 -52.00
C ASN D 62 6.55 22.85 -50.52
N VAL D 63 6.71 21.83 -49.68
CA VAL D 63 6.77 21.99 -48.22
C VAL D 63 8.04 21.33 -47.69
N ILE D 64 8.81 22.08 -46.89
CA ILE D 64 10.05 21.57 -46.30
C ILE D 64 9.85 21.22 -44.82
N PHE D 65 9.99 19.94 -44.50
CA PHE D 65 9.80 19.44 -43.13
C PHE D 65 11.01 19.56 -42.20
N LEU D 66 10.75 19.99 -40.97
CA LEU D 66 11.79 20.16 -39.94
C LEU D 66 11.38 19.49 -38.64
N GLU D 67 12.33 18.79 -38.01
CA GLU D 67 12.09 18.10 -36.75
C GLU D 67 13.03 18.62 -35.67
N VAL D 68 12.47 19.26 -34.66
CA VAL D 68 13.27 19.84 -33.56
C VAL D 68 13.14 19.05 -32.26
N ASP D 69 14.21 18.36 -31.87
CA ASP D 69 14.18 17.61 -30.64
C ASP D 69 14.31 18.61 -29.49
N VAL D 70 13.32 18.61 -28.61
CA VAL D 70 13.27 19.54 -27.49
C VAL D 70 14.45 19.50 -26.53
N ASP D 71 15.07 18.33 -26.36
CA ASP D 71 16.20 18.18 -25.45
C ASP D 71 17.54 18.58 -26.07
N ASP D 72 17.76 18.18 -27.31
CA ASP D 72 18.99 18.47 -28.01
C ASP D 72 19.08 19.96 -28.31
N CYS D 73 17.93 20.54 -28.64
CA CYS D 73 17.84 21.96 -28.96
C CYS D 73 16.99 22.70 -27.94
N GLN D 74 17.34 22.58 -26.66
CA GLN D 74 16.61 23.25 -25.58
C GLN D 74 16.40 24.73 -25.87
N ASP D 75 17.44 25.36 -26.39
CA ASP D 75 17.41 26.77 -26.76
C ASP D 75 16.25 27.05 -27.70
N VAL D 76 16.10 26.20 -28.71
CA VAL D 76 15.05 26.35 -29.71
C VAL D 76 13.62 26.12 -29.22
N ALA D 77 13.40 25.07 -28.43
CA ALA D 77 12.07 24.75 -27.92
C ALA D 77 11.53 25.82 -26.97
N SER D 78 12.38 26.36 -26.11
CA SER D 78 11.94 27.38 -25.18
C SER D 78 11.87 28.74 -25.88
N GLU D 79 12.59 28.86 -26.99
CA GLU D 79 12.58 30.11 -27.73
C GLU D 79 11.36 30.17 -28.63
N CYS D 80 10.66 29.05 -28.74
CA CYS D 80 9.46 28.95 -29.56
C CYS D 80 8.24 28.76 -28.68
N GLU D 81 8.45 28.82 -27.37
CA GLU D 81 7.36 28.67 -26.41
C GLU D 81 6.68 27.30 -26.49
N VAL D 82 7.47 26.23 -26.47
CA VAL D 82 6.92 24.88 -26.55
C VAL D 82 6.53 24.33 -25.18
N LYS D 83 5.29 23.86 -25.07
CA LYS D 83 4.79 23.32 -23.82
C LYS D 83 4.72 21.79 -23.74
N SER D 84 4.22 21.15 -24.79
CA SER D 84 4.11 19.69 -24.78
C SER D 84 4.47 19.07 -26.12
N MET D 85 4.55 17.75 -26.16
CA MET D 85 4.85 17.05 -27.40
C MET D 85 3.72 16.09 -27.67
N PRO D 86 3.37 15.91 -28.95
CA PRO D 86 4.03 16.58 -30.07
C PRO D 86 3.39 17.94 -30.32
N THR D 87 4.23 18.92 -30.66
CA THR D 87 3.73 20.26 -30.96
C THR D 87 4.18 20.62 -32.36
N PHE D 88 3.23 21.05 -33.17
CA PHE D 88 3.51 21.44 -34.53
C PHE D 88 3.31 22.94 -34.68
N GLN D 89 4.20 23.56 -35.42
CA GLN D 89 4.14 24.99 -35.68
C GLN D 89 4.45 25.16 -37.16
N PHE D 90 3.77 26.09 -37.81
CA PHE D 90 4.00 26.29 -39.22
C PHE D 90 4.57 27.67 -39.51
N PHE D 91 5.47 27.72 -40.49
CA PHE D 91 6.10 28.97 -40.88
C PHE D 91 6.21 29.10 -42.38
N LYS D 92 6.24 30.34 -42.83
CA LYS D 92 6.40 30.69 -44.23
C LYS D 92 7.06 32.07 -44.14
N LYS D 93 8.38 32.07 -44.32
CA LYS D 93 9.18 33.30 -44.24
C LYS D 93 9.24 33.81 -42.80
N GLY D 94 9.59 32.91 -41.87
CA GLY D 94 9.69 33.29 -40.47
C GLY D 94 8.42 33.73 -39.76
N GLN D 95 7.27 33.44 -40.34
CA GLN D 95 5.99 33.82 -39.74
C GLN D 95 5.20 32.62 -39.23
N LYS D 96 4.86 32.62 -37.94
CA LYS D 96 4.10 31.53 -37.35
C LYS D 96 2.64 31.63 -37.81
N VAL D 97 2.31 30.91 -38.86
CA VAL D 97 0.98 30.93 -39.44
C VAL D 97 0.18 29.65 -39.14
N GLY D 98 0.66 28.88 -38.17
CA GLY D 98 -0.02 27.65 -37.82
C GLY D 98 0.66 27.01 -36.62
N GLU D 99 -0.12 26.39 -35.74
CA GLU D 99 0.44 25.78 -34.55
C GLU D 99 -0.59 25.01 -33.75
N PHE D 100 -0.35 23.71 -33.56
CA PHE D 100 -1.25 22.88 -32.75
C PHE D 100 -0.48 21.79 -32.01
N SER D 101 -1.15 21.12 -31.07
CA SER D 101 -0.53 20.07 -30.29
C SER D 101 -1.28 18.74 -30.36
N GLY D 102 -0.59 17.68 -30.00
CA GLY D 102 -1.21 16.36 -30.03
C GLY D 102 -0.84 15.60 -31.29
N ALA D 103 -0.93 14.27 -31.20
CA ALA D 103 -0.60 13.42 -32.32
C ALA D 103 -1.80 13.23 -33.26
N ASN D 104 -2.50 14.33 -33.58
CA ASN D 104 -3.65 14.24 -34.47
C ASN D 104 -3.15 14.39 -35.89
N LYS D 105 -3.10 13.27 -36.59
CA LYS D 105 -2.63 13.21 -37.97
C LYS D 105 -3.50 14.02 -38.94
N GLU D 106 -4.82 13.90 -38.84
CA GLU D 106 -5.72 14.63 -39.73
C GLU D 106 -5.53 16.12 -39.62
N LYS D 107 -5.66 16.63 -38.40
CA LYS D 107 -5.49 18.05 -38.16
C LYS D 107 -4.17 18.52 -38.78
N LEU D 108 -3.17 17.63 -38.76
CA LEU D 108 -1.84 17.95 -39.30
C LEU D 108 -1.85 18.16 -40.82
N GLU D 109 -2.08 17.09 -41.58
CA GLU D 109 -2.13 17.18 -43.03
C GLU D 109 -3.16 18.22 -43.44
N ALA D 110 -4.18 18.41 -42.61
CA ALA D 110 -5.22 19.38 -42.89
C ALA D 110 -4.62 20.78 -42.77
N THR D 111 -3.92 21.04 -41.68
CA THR D 111 -3.29 22.35 -41.45
C THR D 111 -2.23 22.63 -42.52
N ILE D 112 -1.72 21.57 -43.14
CA ILE D 112 -0.71 21.73 -44.17
C ILE D 112 -1.36 22.07 -45.51
N ASN D 113 -2.49 21.42 -45.81
CA ASN D 113 -3.25 21.62 -47.05
C ASN D 113 -4.06 22.93 -47.06
N GLU D 114 -4.17 23.58 -45.90
CA GLU D 114 -4.95 24.81 -45.78
C GLU D 114 -4.06 26.04 -45.56
N LEU D 115 -2.74 25.82 -45.65
CA LEU D 115 -1.77 26.89 -45.50
C LEU D 115 -0.67 26.66 -46.52
N VAL D 116 -0.95 25.79 -47.49
CA VAL D 116 -0.03 25.41 -48.57
C VAL D 116 0.97 26.50 -48.94
PA FAD E . -21.17 -11.01 12.96
O1A FAD E . -19.72 -11.03 12.64
O2A FAD E . -22.17 -10.86 11.86
O5B FAD E . -21.39 -12.34 13.83
C5B FAD E . -22.62 -12.81 14.40
C4B FAD E . -22.56 -14.33 14.35
O4B FAD E . -23.63 -14.87 15.16
C3B FAD E . -22.71 -14.97 12.95
O3B FAD E . -21.82 -16.05 12.69
C2B FAD E . -24.19 -15.37 12.92
O2B FAD E . -24.59 -16.32 11.94
C1B FAD E . -24.40 -15.81 14.37
N9A FAD E . -25.77 -15.79 14.89
C8A FAD E . -26.87 -15.04 14.50
N7A FAD E . -27.98 -15.28 15.20
C5A FAD E . -27.59 -16.27 16.11
C6A FAD E . -28.30 -16.99 17.17
N6A FAD E . -29.59 -16.78 17.45
N1A FAD E . -27.60 -17.92 17.90
C2A FAD E . -26.29 -18.13 17.60
N3A FAD E . -25.52 -17.53 16.65
C4A FAD E . -26.27 -16.58 15.92
N1 FAD E . -16.27 -4.47 8.06
C2 FAD E . -15.02 -3.89 8.07
O2 FAD E . -14.53 -3.35 9.10
N3 FAD E . -14.23 -3.94 6.89
C4 FAD E . -14.63 -4.51 5.68
O4 FAD E . -13.85 -4.51 4.70
C4X FAD E . -15.93 -5.08 5.67
N5 FAD E . -16.40 -5.69 4.49
C5X FAD E . -17.66 -6.29 4.52
C6 FAD E . -18.16 -6.95 3.34
C7 FAD E . -19.39 -7.60 3.31
C7M FAD E . -19.80 -8.26 2.00
C8 FAD E . -20.20 -7.63 4.46
C8M FAD E . -21.54 -8.32 4.52
C9 FAD E . -19.73 -6.97 5.67
C9A FAD E . -18.49 -6.30 5.72
N10 FAD E . -17.99 -5.65 6.93
C10 FAD E . -16.73 -5.06 6.90
C1' FAD E . -18.80 -5.63 8.17
C2' FAD E . -18.29 -6.62 9.24
O2' FAD E . -18.18 -7.91 8.66
C3' FAD E . -19.25 -6.58 10.46
O3' FAD E . -19.30 -5.25 10.97
C4' FAD E . -18.84 -7.52 11.62
O4' FAD E . -18.76 -8.86 11.13
C5' FAD E . -19.85 -7.41 12.74
O5' FAD E . -19.47 -8.24 13.86
P FAD E . -20.54 -8.84 14.89
O1P FAD E . -19.77 -9.58 15.92
O2P FAD E . -21.45 -7.72 15.34
O3P FAD E . -21.45 -9.88 14.06
C1 GOL F . -11.42 12.17 -11.43
O1 GOL F . -12.48 13.38 -11.28
C2 GOL F . -11.39 10.99 -10.66
O2 GOL F . -10.93 11.23 -9.42
C3 GOL F . -11.78 10.04 -11.31
O3 GOL F . -12.33 9.20 -12.51
C1 GOL G . -17.96 12.29 13.50
O1 GOL G . -18.07 13.13 14.87
C2 GOL G . -17.55 10.97 13.39
O2 GOL G . -17.14 10.50 14.56
C3 GOL G . -17.68 10.57 12.26
O3 GOL G . -18.05 10.54 10.74
C1 GOL H . 10.64 15.80 -6.87
O1 GOL H . 11.88 16.76 -6.46
C2 GOL H . 10.76 14.48 -7.35
O2 GOL H . 11.68 13.79 -6.66
C3 GOL H . 9.99 14.30 -8.28
O3 GOL H . 8.90 14.54 -9.38
C1 GOL I . -9.37 -3.43 -10.92
O1 GOL I . -7.97 -3.20 -10.14
C2 GOL I . -10.57 -3.89 -10.35
O2 GOL I . -10.38 -4.36 -9.11
C3 GOL I . -11.50 -3.75 -11.12
O3 GOL I . -12.32 -3.38 -12.42
PA FAD J . 20.50 17.48 -5.46
O1A FAD J . 19.15 16.94 -5.78
O2A FAD J . 21.65 16.54 -5.37
O5B FAD J . 20.72 18.62 -6.56
C5B FAD J . 21.87 19.48 -6.68
C4B FAD J . 21.99 19.87 -8.16
O4B FAD J . 23.05 20.87 -8.30
C3B FAD J . 22.38 18.72 -9.14
O3B FAD J . 21.73 18.78 -10.41
C2B FAD J . 23.89 18.88 -9.21
O2B FAD J . 24.60 18.17 -10.20
C1B FAD J . 24.00 20.40 -9.26
N9A FAD J . 25.31 20.97 -8.95
C8A FAD J . 26.33 20.45 -8.19
N7A FAD J . 27.40 21.22 -8.11
C5A FAD J . 27.05 22.34 -8.87
C6A FAD J . 27.76 23.55 -9.19
N6A FAD J . 29.00 23.78 -8.74
N1A FAD J . 27.14 24.48 -10.00
C2A FAD J . 25.88 24.21 -10.44
N3A FAD J . 25.12 23.12 -10.21
C4A FAD J . 25.80 22.19 -9.39
N1 FAD J . 15.77 10.84 -0.80
C2 FAD J . 14.47 10.57 -0.42
O2 FAD J . 13.78 11.38 0.25
N3 FAD J . 13.88 9.36 -0.81
C4 FAD J . 14.52 8.36 -1.56
O4 FAD J . 13.90 7.32 -1.85
C4X FAD J . 15.85 8.63 -1.94
N5 FAD J . 16.56 7.68 -2.72
C5X FAD J . 17.86 7.99 -3.12
C6 FAD J . 18.59 7.04 -3.92
C7 FAD J . 19.88 7.30 -4.37
C7M FAD J . 20.57 6.24 -5.23
C8 FAD J . 20.52 8.53 -4.02
C8M FAD J . 21.91 8.87 -4.47
C9 FAD J . 19.81 9.48 -3.21
C9A FAD J . 18.50 9.24 -2.75
N10 FAD J . 17.75 10.20 -1.94
C10 FAD J . 16.45 9.89 -1.55
C1' FAD J . 18.35 11.49 -1.55
C2' FAD J . 17.84 12.68 -2.35
O2' FAD J . 18.07 12.42 -3.75
C3' FAD J . 18.54 13.94 -1.88
O3' FAD J . 18.26 14.11 -0.50
C4' FAD J . 18.10 15.21 -2.64
O4' FAD J . 18.36 15.03 -4.04
C5' FAD J . 18.86 16.41 -2.12
O5' FAD J . 18.41 17.61 -2.76
P FAD J . 19.38 18.83 -3.05
O1P FAD J . 18.54 19.88 -3.66
O2P FAD J . 20.13 19.15 -1.80
O3P FAD J . 20.47 18.35 -4.13
C1 GOL K . 4.36 -20.26 6.41
O1 GOL K . 5.20 -18.89 6.28
C2 GOL K . 3.52 -20.82 5.43
O2 GOL K . 4.01 -20.63 4.20
C3 GOL K . 2.56 -21.34 5.96
O3 GOL K . 1.58 -21.85 7.07
C1 GOL L . 5.81 16.68 -15.84
O1 GOL L . 5.71 15.18 -15.24
C2 GOL L . 5.80 17.02 -17.20
O2 GOL L . 6.22 15.99 -17.97
C3 GOL L . 5.40 18.17 -17.35
O3 GOL L . 4.88 19.61 -17.04
#